data_8CT2
#
_entry.id   8CT2
#
_cell.length_a   1.00
_cell.length_b   1.00
_cell.length_c   1.00
_cell.angle_alpha   90.00
_cell.angle_beta   90.00
_cell.angle_gamma   90.00
#
_symmetry.space_group_name_H-M   'P 1'
#
loop_
_entity.id
_entity.type
_entity.pdbx_description
1 polymer Aquaporin-1
2 non-polymer CHOLESTEROL
#
_entity_poly.entity_id   1
_entity_poly.type   'polypeptide(L)'
_entity_poly.pdbx_seq_one_letter_code
;MASEFKKKLFWRAVVAEFLATTLFVFISIGSALGFKYPVGNNQTAVQDNVKVSLAFGLSIATLAQSVGHISGAHLNPAVT
LGLLLS(P1L)QISIFRALMYIIAQCVGAIVATAILSGITSSLTGNSLGRNDLADGVNSGQGLGIEIIGTLQLVLCVLAT
TDRRRRDLGGSAPLAIGLSVALGHLLAIDYTGCGINPARSFGSAVITHNFSNHWIFWVGPFIGGALAVLIYDFILAPRSS
DLTDRVKVWTSGQVEEYDLDADDINSRVEMKPK
;
_entity_poly.pdbx_strand_id   D,B,C,A
#
loop_
_chem_comp.id
_chem_comp.type
_chem_comp.name
_chem_comp.formula
CLR non-polymer CHOLESTEROL 'C27 H46 O'
#
# COMPACT_ATOMS: atom_id res chain seq x y z
N SER A 3 -19.79 -21.10 30.82
CA SER A 3 -19.23 -19.80 30.44
C SER A 3 -19.07 -19.72 28.93
N GLU A 4 -17.82 -19.60 28.48
CA GLU A 4 -17.54 -19.58 27.04
C GLU A 4 -17.85 -20.90 26.38
N PHE A 5 -17.85 -22.01 27.14
CA PHE A 5 -18.14 -23.31 26.56
C PHE A 5 -19.57 -23.41 26.05
N LYS A 6 -20.49 -22.65 26.64
CA LYS A 6 -21.90 -22.74 26.30
C LYS A 6 -22.42 -21.52 25.55
N LYS A 7 -21.53 -20.66 25.06
CA LYS A 7 -21.92 -19.50 24.28
C LYS A 7 -21.71 -19.79 22.80
N LYS A 8 -22.76 -19.60 22.01
CA LYS A 8 -22.66 -19.84 20.57
C LYS A 8 -21.75 -18.83 19.89
N LEU A 9 -21.64 -17.63 20.45
CA LEU A 9 -20.76 -16.61 19.87
C LEU A 9 -19.30 -17.04 19.94
N PHE A 10 -18.92 -17.72 21.02
CA PHE A 10 -17.57 -18.27 21.14
C PHE A 10 -17.27 -19.26 20.02
N TRP A 11 -18.22 -20.15 19.73
CA TRP A 11 -17.97 -21.15 18.70
C TRP A 11 -18.06 -20.53 17.30
N ARG A 12 -18.84 -19.47 17.13
CA ARG A 12 -18.78 -18.72 15.88
C ARG A 12 -17.39 -18.12 15.69
N ALA A 13 -16.81 -17.60 16.77
CA ALA A 13 -15.45 -17.06 16.69
C ALA A 13 -14.45 -18.16 16.35
N VAL A 14 -14.60 -19.34 16.95
CA VAL A 14 -13.66 -20.43 16.68
C VAL A 14 -13.76 -20.89 15.22
N VAL A 15 -14.98 -21.02 14.72
CA VAL A 15 -15.18 -21.40 13.32
C VAL A 15 -14.64 -20.30 12.40
N ALA A 16 -14.79 -19.03 12.81
CA ALA A 16 -14.22 -17.93 12.03
C ALA A 16 -12.70 -18.04 11.96
N GLU A 17 -12.06 -18.36 13.09
CA GLU A 17 -10.61 -18.55 13.08
C GLU A 17 -10.21 -19.69 12.16
N PHE A 18 -10.94 -20.81 12.22
CA PHE A 18 -10.65 -21.95 11.34
C PHE A 18 -10.75 -21.56 9.87
N LEU A 19 -11.88 -20.97 9.48
CA LEU A 19 -12.11 -20.64 8.07
C LEU A 19 -11.16 -19.57 7.57
N ALA A 20 -10.90 -18.55 8.39
CA ALA A 20 -10.01 -17.48 7.95
C ALA A 20 -8.56 -17.96 7.88
N THR A 21 -8.14 -18.85 8.78
CA THR A 21 -6.80 -19.40 8.67
C THR A 21 -6.68 -20.29 7.44
N THR A 22 -7.74 -21.05 7.11
CA THR A 22 -7.74 -21.84 5.89
C THR A 22 -7.55 -20.94 4.67
N LEU A 23 -8.35 -19.88 4.57
CA LEU A 23 -8.25 -18.98 3.42
C LEU A 23 -6.88 -18.32 3.37
N PHE A 24 -6.36 -17.87 4.53
CA PHE A 24 -5.07 -17.23 4.58
C PHE A 24 -3.97 -18.15 4.07
N VAL A 25 -3.90 -19.37 4.61
CA VAL A 25 -2.84 -20.30 4.23
C VAL A 25 -2.95 -20.64 2.75
N PHE A 26 -4.16 -20.93 2.27
CA PHE A 26 -4.32 -21.32 0.87
C PHE A 26 -3.90 -20.19 -0.06
N ILE A 27 -4.45 -18.99 0.14
CA ILE A 27 -4.17 -17.88 -0.78
C ILE A 27 -2.68 -17.54 -0.75
N SER A 28 -2.11 -17.45 0.45
CA SER A 28 -0.73 -17.00 0.57
C SER A 28 0.25 -18.00 -0.01
N ILE A 29 0.08 -19.30 0.31
CA ILE A 29 1.02 -20.28 -0.20
C ILE A 29 0.81 -20.51 -1.69
N GLY A 30 -0.44 -20.42 -2.18
CA GLY A 30 -0.67 -20.53 -3.61
C GLY A 30 -0.04 -19.38 -4.37
N SER A 31 -0.05 -18.18 -3.80
CA SER A 31 0.70 -17.08 -4.39
C SER A 31 2.21 -17.34 -4.34
N ALA A 32 2.69 -17.93 -3.25
CA ALA A 32 4.11 -18.24 -3.13
C ALA A 32 4.55 -19.30 -4.13
N LEU A 33 3.64 -20.17 -4.56
CA LEU A 33 3.95 -21.21 -5.52
C LEU A 33 3.64 -20.83 -6.96
N GLY A 34 3.25 -19.57 -7.21
CA GLY A 34 2.84 -19.18 -8.55
C GLY A 34 3.98 -19.20 -9.56
N PHE A 35 5.18 -18.81 -9.13
CA PHE A 35 6.29 -18.62 -10.06
C PHE A 35 6.77 -19.90 -10.69
N LYS A 36 6.34 -21.07 -10.21
CA LYS A 36 6.73 -22.33 -10.80
C LYS A 36 5.85 -22.73 -11.98
N TYR A 37 4.87 -21.92 -12.34
CA TYR A 37 4.02 -22.09 -13.50
C TYR A 37 4.40 -21.11 -14.59
N PRO A 38 4.35 -21.49 -15.87
CA PRO A 38 3.93 -22.78 -16.45
C PRO A 38 4.88 -23.95 -16.15
N VAL A 39 4.40 -25.18 -16.33
CA VAL A 39 5.17 -26.35 -15.99
C VAL A 39 6.10 -26.76 -17.13
N GLY A 40 5.56 -26.87 -18.34
CA GLY A 40 6.36 -27.30 -19.46
C GLY A 40 7.44 -26.31 -19.85
N ASN A 41 7.15 -25.01 -19.72
CA ASN A 41 8.08 -23.96 -20.11
C ASN A 41 9.35 -24.02 -19.26
N ASN A 42 10.47 -24.35 -19.89
CA ASN A 42 11.77 -24.40 -19.21
C ASN A 42 12.30 -22.99 -19.09
N GLN A 43 12.10 -22.37 -17.92
CA GLN A 43 12.56 -21.02 -17.67
C GLN A 43 13.21 -20.95 -16.31
N THR A 44 14.19 -20.07 -16.17
CA THR A 44 14.87 -19.84 -14.89
C THR A 44 14.13 -18.77 -14.09
N ALA A 45 12.86 -19.07 -13.79
CA ALA A 45 12.03 -18.15 -13.03
C ALA A 45 12.52 -18.05 -11.59
N VAL A 46 12.40 -16.85 -11.02
CA VAL A 46 12.81 -16.58 -9.66
C VAL A 46 11.58 -16.16 -8.87
N GLN A 47 11.58 -16.47 -7.57
CA GLN A 47 10.51 -15.99 -6.70
C GLN A 47 10.58 -14.47 -6.56
N ASP A 48 9.43 -13.83 -6.69
CA ASP A 48 9.29 -12.40 -6.41
C ASP A 48 8.88 -12.26 -4.95
N ASN A 49 9.77 -11.68 -4.14
CA ASN A 49 9.53 -11.61 -2.71
C ASN A 49 8.45 -10.59 -2.36
N VAL A 50 8.39 -9.49 -3.12
CA VAL A 50 7.34 -8.50 -2.89
C VAL A 50 5.97 -9.11 -3.11
N LYS A 51 5.86 -9.97 -4.13
CA LYS A 51 4.59 -10.63 -4.43
C LYS A 51 4.12 -11.48 -3.26
N VAL A 52 5.02 -12.31 -2.72
CA VAL A 52 4.65 -13.21 -1.63
C VAL A 52 4.38 -12.42 -0.35
N SER A 53 5.20 -11.41 -0.07
CA SER A 53 5.00 -10.60 1.13
C SER A 53 3.67 -9.87 1.07
N LEU A 54 3.32 -9.29 -0.09
CA LEU A 54 2.03 -8.64 -0.23
C LEU A 54 0.89 -9.65 -0.16
N ALA A 55 1.11 -10.86 -0.68
CA ALA A 55 0.07 -11.88 -0.58
C ALA A 55 -0.25 -12.19 0.87
N PHE A 56 0.77 -12.48 1.67
CA PHE A 56 0.55 -12.76 3.09
C PHE A 56 -0.04 -11.56 3.81
N GLY A 57 0.52 -10.37 3.58
CA GLY A 57 0.05 -9.20 4.29
C GLY A 57 -1.39 -8.82 3.95
N LEU A 58 -1.71 -8.80 2.66
CA LEU A 58 -3.06 -8.43 2.26
C LEU A 58 -4.06 -9.53 2.58
N SER A 59 -3.61 -10.79 2.63
CA SER A 59 -4.49 -11.85 3.12
C SER A 59 -4.86 -11.61 4.58
N ILE A 60 -3.86 -11.29 5.40
CA ILE A 60 -4.15 -11.01 6.81
C ILE A 60 -5.05 -9.80 6.94
N ALA A 61 -4.78 -8.74 6.17
CA ALA A 61 -5.59 -7.53 6.26
C ALA A 61 -7.03 -7.77 5.83
N THR A 62 -7.22 -8.48 4.72
CA THR A 62 -8.57 -8.75 4.21
C THR A 62 -9.34 -9.64 5.17
N LEU A 63 -8.70 -10.70 5.66
CA LEU A 63 -9.42 -11.60 6.55
C LEU A 63 -9.65 -10.99 7.92
N ALA A 64 -8.77 -10.08 8.36
CA ALA A 64 -9.04 -9.32 9.57
C ALA A 64 -10.24 -8.42 9.37
N GLN A 65 -10.31 -7.72 8.24
CA GLN A 65 -11.51 -6.95 7.92
C GLN A 65 -12.75 -7.81 7.90
N SER A 66 -12.62 -9.06 7.44
CA SER A 66 -13.77 -9.94 7.36
C SER A 66 -14.25 -10.45 8.72
N VAL A 67 -13.34 -10.89 9.59
CA VAL A 67 -13.77 -11.64 10.76
C VAL A 67 -13.19 -11.11 12.08
N GLY A 68 -12.69 -9.88 12.09
CA GLY A 68 -12.12 -9.35 13.32
C GLY A 68 -13.18 -9.00 14.35
N HIS A 69 -14.34 -8.55 13.88
CA HIS A 69 -15.45 -8.28 14.78
C HIS A 69 -16.12 -9.56 15.27
N ILE A 70 -15.77 -10.70 14.68
CA ILE A 70 -16.36 -11.97 15.07
C ILE A 70 -15.44 -12.75 16.00
N SER A 71 -14.14 -12.78 15.70
CA SER A 71 -13.20 -13.57 16.47
C SER A 71 -11.99 -12.82 16.96
N GLY A 72 -11.78 -11.58 16.53
CA GLY A 72 -10.51 -10.90 16.72
C GLY A 72 -9.52 -11.14 15.61
N ALA A 73 -9.73 -12.17 14.80
CA ALA A 73 -8.91 -12.50 13.63
C ALA A 73 -7.43 -12.62 14.00
N HIS A 74 -7.16 -13.56 14.90
CA HIS A 74 -5.78 -13.83 15.30
C HIS A 74 -5.02 -14.48 14.15
N LEU A 75 -5.46 -15.66 13.72
CA LEU A 75 -4.94 -16.35 12.54
C LEU A 75 -3.46 -16.67 12.66
N ASN A 76 -2.94 -16.63 13.88
CA ASN A 76 -1.53 -16.83 14.17
C ASN A 76 -1.42 -17.29 15.62
N PRO A 77 -0.96 -18.52 15.86
CA PRO A 77 -0.83 -18.98 17.26
C PRO A 77 0.07 -18.10 18.11
N ALA A 78 1.02 -17.42 17.50
CA ALA A 78 1.84 -16.46 18.23
C ALA A 78 1.01 -15.28 18.72
N VAL A 79 0.11 -14.75 17.87
CA VAL A 79 -0.75 -13.64 18.29
C VAL A 79 -1.73 -14.08 19.35
N THR A 80 -2.28 -15.29 19.21
CA THR A 80 -3.17 -15.84 20.23
C THR A 80 -2.45 -16.01 21.56
N LEU A 81 -1.22 -16.53 21.53
CA LEU A 81 -0.46 -16.67 22.77
C LEU A 81 -0.08 -15.32 23.36
N GLY A 82 0.19 -14.33 22.51
CA GLY A 82 0.46 -13.00 23.01
C GLY A 82 -0.75 -12.38 23.69
N LEU A 83 -1.93 -12.60 23.12
CA LEU A 83 -3.15 -12.09 23.74
C LEU A 83 -3.48 -12.85 25.02
N LEU A 84 -3.14 -14.14 25.08
CA LEU A 84 -3.30 -14.91 26.31
C LEU A 84 -2.36 -14.41 27.40
N LEU A 85 -1.10 -14.14 27.04
CA LEU A 85 -0.12 -13.67 28.00
C LEU A 85 -0.35 -12.21 28.39
N SER A 86 -1.11 -11.47 27.60
CA SER A 86 -1.42 -10.09 27.95
C SER A 86 -2.73 -10.04 28.73
O P1L A 87 -6.35 -9.81 29.80
N P1L A 87 -3.26 -11.21 29.04
CA P1L A 87 -4.49 -11.37 29.79
CB P1L A 87 -4.30 -10.94 31.24
SG P1L A 87 -3.21 -12.00 32.16
C7 P1L A 87 -1.78 -11.09 32.54
O7 P1L A 87 -1.58 -9.89 32.31
C8 P1L A 87 -0.70 -12.04 32.99
C9 P1L A 87 0.68 -11.55 32.61
C10 P1L A 87 1.78 -12.26 33.38
C11 P1L A 87 3.15 -11.87 32.86
C12 P1L A 87 3.35 -12.34 31.42
C13 P1L A 87 4.81 -12.43 31.04
C14 P1L A 87 4.97 -12.98 29.64
C15 P1L A 87 6.42 -13.23 29.28
C16 P1L A 87 6.97 -14.46 29.97
C17 P1L A 87 7.76 -15.32 29.01
C18 P1L A 87 7.32 -16.77 29.05
C19 P1L A 87 7.47 -17.46 27.72
C20 P1L A 87 6.55 -18.66 27.61
C P1L A 87 -5.68 -10.64 29.19
C21 P1L A 87 6.23 -18.99 26.16
C22 P1L A 87 7.30 -19.83 25.52
N GLN A 88 -5.95 -10.97 27.93
CA GLN A 88 -7.07 -10.39 27.21
C GLN A 88 -8.07 -11.46 26.81
N ILE A 89 -7.59 -12.71 26.74
CA ILE A 89 -8.42 -13.86 26.39
C ILE A 89 -8.20 -14.96 27.41
N SER A 90 -9.07 -15.97 27.36
CA SER A 90 -9.02 -17.07 28.30
C SER A 90 -8.15 -18.22 27.77
N ILE A 91 -7.86 -19.16 28.66
CA ILE A 91 -7.07 -20.33 28.26
C ILE A 91 -7.85 -21.19 27.28
N PHE A 92 -9.14 -21.39 27.54
CA PHE A 92 -9.95 -22.23 26.66
C PHE A 92 -10.06 -21.63 25.26
N ARG A 93 -10.25 -20.31 25.18
CA ARG A 93 -10.31 -19.65 23.88
C ARG A 93 -8.99 -19.77 23.15
N ALA A 94 -7.87 -19.62 23.87
CA ALA A 94 -6.56 -19.74 23.24
C ALA A 94 -6.34 -21.16 22.69
N LEU A 95 -6.69 -22.18 23.47
CA LEU A 95 -6.52 -23.55 23.02
C LEU A 95 -7.40 -23.84 21.80
N MET A 96 -8.65 -23.38 21.83
CA MET A 96 -9.55 -23.62 20.70
C MET A 96 -9.08 -22.87 19.47
N TYR A 97 -8.58 -21.64 19.64
CA TYR A 97 -8.06 -20.89 18.52
C TYR A 97 -6.85 -21.56 17.89
N ILE A 98 -5.92 -22.04 18.73
CA ILE A 98 -4.73 -22.69 18.19
C ILE A 98 -5.11 -23.97 17.44
N ILE A 99 -6.04 -24.75 18.01
CA ILE A 99 -6.45 -25.98 17.33
C ILE A 99 -7.12 -25.65 16.00
N ALA A 100 -8.01 -24.65 15.99
CA ALA A 100 -8.70 -24.29 14.76
C ALA A 100 -7.73 -23.78 13.70
N GLN A 101 -6.77 -22.94 14.11
CA GLN A 101 -5.80 -22.41 13.17
C GLN A 101 -4.93 -23.51 12.58
N CYS A 102 -4.45 -24.43 13.41
CA CYS A 102 -3.59 -25.49 12.91
C CYS A 102 -4.34 -26.44 11.99
N VAL A 103 -5.56 -26.83 12.36
CA VAL A 103 -6.32 -27.74 11.52
C VAL A 103 -6.72 -27.07 10.21
N GLY A 104 -7.07 -25.78 10.27
CA GLY A 104 -7.38 -25.05 9.04
C GLY A 104 -6.19 -24.91 8.13
N ALA A 105 -5.00 -24.70 8.70
CA ALA A 105 -3.79 -24.66 7.90
C ALA A 105 -3.52 -26.00 7.24
N ILE A 106 -3.72 -27.10 7.96
CA ILE A 106 -3.51 -28.43 7.38
C ILE A 106 -4.49 -28.65 6.23
N VAL A 107 -5.76 -28.29 6.44
CA VAL A 107 -6.78 -28.46 5.40
C VAL A 107 -6.43 -27.63 4.16
N ALA A 108 -6.04 -26.37 4.37
CA ALA A 108 -5.69 -25.50 3.26
C ALA A 108 -4.50 -26.04 2.49
N THR A 109 -3.48 -26.53 3.19
CA THR A 109 -2.31 -27.05 2.49
C THR A 109 -2.62 -28.36 1.78
N ALA A 110 -3.54 -29.18 2.31
CA ALA A 110 -3.96 -30.37 1.59
C ALA A 110 -4.66 -30.01 0.29
N ILE A 111 -5.58 -29.04 0.34
CA ILE A 111 -6.26 -28.60 -0.87
C ILE A 111 -5.27 -27.98 -1.85
N LEU A 112 -4.28 -27.26 -1.34
CA LEU A 112 -3.30 -26.61 -2.19
C LEU A 112 -2.38 -27.61 -2.86
N SER A 113 -1.98 -28.66 -2.15
CA SER A 113 -1.23 -29.74 -2.78
C SER A 113 -2.08 -30.48 -3.79
N GLY A 114 -3.39 -30.52 -3.58
CA GLY A 114 -4.28 -31.06 -4.59
C GLY A 114 -4.29 -30.22 -5.85
N ILE A 115 -4.35 -28.90 -5.70
CA ILE A 115 -4.43 -28.02 -6.86
C ILE A 115 -3.07 -27.90 -7.57
N THR A 116 -1.98 -27.86 -6.82
CA THR A 116 -0.65 -27.70 -7.40
C THR A 116 0.06 -29.04 -7.59
N SER A 117 -0.69 -30.09 -7.92
CA SER A 117 -0.12 -31.43 -8.05
C SER A 117 0.81 -31.57 -9.23
N SER A 118 0.75 -30.67 -10.22
CA SER A 118 1.61 -30.76 -11.39
C SER A 118 3.04 -30.33 -11.12
N LEU A 119 3.32 -29.72 -9.97
CA LEU A 119 4.68 -29.33 -9.63
C LEU A 119 5.43 -30.52 -9.05
N THR A 120 6.55 -30.88 -9.69
CA THR A 120 7.36 -31.97 -9.20
C THR A 120 8.22 -31.52 -8.03
N GLY A 121 8.22 -32.31 -6.97
CA GLY A 121 8.95 -31.94 -5.76
C GLY A 121 8.37 -30.73 -5.07
N ASN A 122 7.04 -30.63 -5.02
CA ASN A 122 6.36 -29.49 -4.42
C ASN A 122 6.60 -29.43 -2.92
N SER A 123 7.28 -28.39 -2.45
CA SER A 123 7.51 -28.25 -1.02
C SER A 123 6.35 -27.57 -0.30
N LEU A 124 5.33 -27.13 -1.04
CA LEU A 124 4.10 -26.58 -0.47
C LEU A 124 4.38 -25.40 0.46
N GLY A 125 5.38 -24.59 0.13
CA GLY A 125 5.73 -23.46 0.96
C GLY A 125 6.24 -23.85 2.32
N ARG A 126 6.94 -24.96 2.44
CA ARG A 126 7.49 -25.38 3.72
C ARG A 126 8.68 -24.49 4.08
N ASN A 127 8.65 -23.99 5.32
CA ASN A 127 9.70 -23.09 5.81
C ASN A 127 10.93 -23.90 6.18
N ASP A 128 12.08 -23.50 5.64
CA ASP A 128 13.34 -24.16 5.94
C ASP A 128 14.45 -23.12 5.83
N LEU A 129 15.55 -23.39 6.52
CA LEU A 129 16.65 -22.44 6.58
C LEU A 129 17.33 -22.33 5.22
N ALA A 130 17.66 -21.09 4.84
CA ALA A 130 18.45 -20.88 3.65
C ALA A 130 19.89 -21.29 3.91
N ASP A 131 20.59 -21.61 2.83
CA ASP A 131 22.00 -21.96 2.92
C ASP A 131 22.79 -20.77 3.46
N GLY A 132 23.60 -21.02 4.47
CA GLY A 132 24.30 -19.96 5.17
C GLY A 132 23.63 -19.49 6.44
N VAL A 133 22.46 -20.03 6.77
CA VAL A 133 21.75 -19.68 8.00
C VAL A 133 21.59 -20.96 8.81
N ASN A 134 22.08 -20.92 10.05
CA ASN A 134 21.92 -22.07 10.94
C ASN A 134 20.62 -21.93 11.73
N SER A 135 20.45 -22.79 12.74
CA SER A 135 19.22 -22.76 13.53
C SER A 135 19.12 -21.51 14.37
N GLY A 136 20.24 -21.05 14.93
CA GLY A 136 20.19 -19.88 15.79
C GLY A 136 19.85 -18.60 15.05
N GLN A 137 20.44 -18.42 13.86
CA GLN A 137 20.19 -17.20 13.09
C GLN A 137 18.75 -17.15 12.58
N GLY A 138 18.25 -18.26 12.03
CA GLY A 138 16.86 -18.32 11.64
C GLY A 138 15.93 -18.13 12.81
N LEU A 139 16.31 -18.67 13.97
CA LEU A 139 15.53 -18.47 15.19
C LEU A 139 15.44 -17.00 15.56
N GLY A 140 16.57 -16.29 15.48
CA GLY A 140 16.55 -14.87 15.77
C GLY A 140 15.70 -14.08 14.79
N ILE A 141 15.77 -14.43 13.51
CA ILE A 141 14.94 -13.76 12.51
C ILE A 141 13.46 -13.97 12.82
N GLU A 142 13.08 -15.22 13.13
CA GLU A 142 11.68 -15.50 13.47
C GLU A 142 11.27 -14.77 14.73
N ILE A 143 12.16 -14.68 15.71
CA ILE A 143 11.85 -14.00 16.96
C ILE A 143 11.55 -12.53 16.69
N ILE A 144 12.38 -11.88 15.89
CA ILE A 144 12.18 -10.44 15.66
C ILE A 144 10.92 -10.19 14.83
N GLY A 145 10.70 -11.01 13.79
CA GLY A 145 9.49 -10.84 12.99
C GLY A 145 8.22 -11.01 13.81
N THR A 146 8.18 -12.07 14.63
CA THR A 146 7.03 -12.26 15.49
C THR A 146 6.93 -11.17 16.55
N LEU A 147 8.06 -10.68 17.05
CA LEU A 147 8.03 -9.63 18.06
C LEU A 147 7.36 -8.38 17.51
N GLN A 148 7.75 -7.96 16.30
CA GLN A 148 7.13 -6.78 15.73
C GLN A 148 5.65 -7.01 15.42
N LEU A 149 5.30 -8.21 14.94
CA LEU A 149 3.90 -8.47 14.62
C LEU A 149 3.02 -8.46 15.88
N VAL A 150 3.45 -9.17 16.92
CA VAL A 150 2.67 -9.25 18.15
C VAL A 150 2.65 -7.89 18.85
N LEU A 151 3.74 -7.14 18.78
CA LEU A 151 3.76 -5.81 19.38
C LEU A 151 2.76 -4.88 18.69
N CYS A 152 2.70 -4.94 17.36
CA CYS A 152 1.71 -4.15 16.64
C CYS A 152 0.29 -4.56 17.01
N VAL A 153 0.04 -5.86 17.12
CA VAL A 153 -1.30 -6.33 17.48
C VAL A 153 -1.67 -5.86 18.90
N LEU A 154 -0.72 -5.95 19.84
CA LEU A 154 -1.01 -5.55 21.21
C LEU A 154 -1.26 -4.06 21.33
N ALA A 155 -0.49 -3.25 20.60
CA ALA A 155 -0.68 -1.81 20.68
C ALA A 155 -1.94 -1.37 19.94
N THR A 156 -2.33 -2.11 18.90
CA THR A 156 -3.52 -1.76 18.14
C THR A 156 -4.80 -2.00 18.93
N THR A 157 -4.82 -3.04 19.77
CA THR A 157 -5.99 -3.38 20.57
C THR A 157 -5.85 -2.96 22.03
N ASP A 158 -5.16 -1.85 22.28
CA ASP A 158 -4.89 -1.44 23.66
C ASP A 158 -6.18 -1.08 24.41
N ARG A 159 -7.09 -0.36 23.73
CA ARG A 159 -8.40 0.06 24.22
C ARG A 159 -8.27 1.18 25.26
N ARG A 160 -7.04 1.49 25.66
CA ARG A 160 -6.75 2.69 26.44
C ARG A 160 -6.31 3.84 25.57
N ARG A 161 -6.26 3.64 24.26
CA ARG A 161 -5.81 4.66 23.31
C ARG A 161 -7.00 5.25 22.58
N ARG A 162 -7.02 6.57 22.47
CA ARG A 162 -8.00 7.27 21.64
C ARG A 162 -7.39 7.83 20.37
N ASP A 163 -6.06 7.82 20.25
CA ASP A 163 -5.35 8.41 19.13
C ASP A 163 -5.21 7.47 17.95
N LEU A 164 -5.88 6.31 17.97
CA LEU A 164 -5.84 5.40 16.84
C LEU A 164 -6.65 5.97 15.67
N GLY A 165 -6.20 5.66 14.46
CA GLY A 165 -6.92 6.06 13.26
C GLY A 165 -6.64 5.08 12.15
N GLY A 166 -7.44 5.19 11.11
CA GLY A 166 -7.26 4.34 9.95
C GLY A 166 -7.71 2.92 10.18
N SER A 167 -7.29 2.04 9.29
CA SER A 167 -7.71 0.64 9.29
C SER A 167 -6.74 -0.17 10.13
N ALA A 168 -7.21 -0.66 11.28
CA ALA A 168 -6.44 -1.62 12.06
C ALA A 168 -6.15 -2.92 11.32
N PRO A 169 -7.10 -3.53 10.57
CA PRO A 169 -6.72 -4.68 9.75
C PRO A 169 -5.60 -4.38 8.77
N LEU A 170 -5.59 -3.17 8.19
CA LEU A 170 -4.50 -2.79 7.30
C LEU A 170 -3.18 -2.71 8.04
N ALA A 171 -3.19 -2.19 9.26
CA ALA A 171 -1.96 -2.11 10.05
C ALA A 171 -1.40 -3.49 10.35
N ILE A 172 -2.28 -4.42 10.76
CA ILE A 172 -1.80 -5.77 11.09
C ILE A 172 -1.33 -6.49 9.83
N GLY A 173 -2.03 -6.29 8.70
CA GLY A 173 -1.59 -6.88 7.45
C GLY A 173 -0.25 -6.34 6.99
N LEU A 174 -0.03 -5.04 7.13
CA LEU A 174 1.25 -4.47 6.74
C LEU A 174 2.36 -4.92 7.69
N SER A 175 2.03 -5.22 8.95
CA SER A 175 3.03 -5.81 9.83
C SER A 175 3.39 -7.23 9.39
N VAL A 176 2.41 -8.02 8.97
CA VAL A 176 2.69 -9.35 8.44
C VAL A 176 3.56 -9.24 7.19
N ALA A 177 3.23 -8.30 6.30
CA ALA A 177 4.02 -8.09 5.10
C ALA A 177 5.44 -7.65 5.45
N LEU A 178 5.60 -6.83 6.48
CA LEU A 178 6.92 -6.44 6.94
C LEU A 178 7.73 -7.64 7.40
N GLY A 179 7.11 -8.51 8.20
CA GLY A 179 7.78 -9.73 8.62
C GLY A 179 8.19 -10.59 7.45
N HIS A 180 7.37 -10.61 6.39
CA HIS A 180 7.73 -11.41 5.22
C HIS A 180 8.86 -10.78 4.44
N LEU A 181 8.82 -9.46 4.23
CA LEU A 181 9.91 -8.74 3.58
C LEU A 181 11.22 -8.97 4.31
N LEU A 182 11.15 -9.18 5.63
CA LEU A 182 12.35 -9.55 6.37
C LEU A 182 12.75 -11.00 6.11
N ALA A 183 11.85 -11.94 6.40
CA ALA A 183 12.26 -13.32 6.64
C ALA A 183 12.12 -14.27 5.44
N ILE A 184 11.60 -13.81 4.29
CA ILE A 184 11.42 -14.71 3.16
C ILE A 184 12.76 -15.26 2.69
N ASP A 185 13.77 -14.40 2.59
CA ASP A 185 15.08 -14.82 2.13
C ASP A 185 15.82 -15.69 3.13
N TYR A 186 15.61 -15.49 4.43
CA TYR A 186 16.34 -16.19 5.47
C TYR A 186 15.73 -17.55 5.81
N THR A 187 14.46 -17.55 6.26
CA THR A 187 13.85 -18.78 6.74
C THR A 187 12.63 -19.21 5.95
N GLY A 188 12.43 -18.68 4.74
CA GLY A 188 11.17 -18.87 4.06
C GLY A 188 10.01 -18.15 4.72
N CYS A 189 10.27 -17.35 5.74
CA CYS A 189 9.27 -16.58 6.48
C CYS A 189 8.15 -17.40 7.09
N GLY A 190 8.43 -17.99 8.25
CA GLY A 190 7.39 -18.68 8.98
C GLY A 190 6.60 -17.64 9.76
N ILE A 191 6.89 -17.47 11.05
CA ILE A 191 6.33 -16.42 11.90
C ILE A 191 4.89 -16.78 12.30
N ASN A 192 4.28 -17.69 11.54
CA ASN A 192 2.94 -18.18 11.84
C ASN A 192 3.05 -19.67 12.03
N PRO A 193 3.10 -20.14 13.28
CA PRO A 193 3.34 -21.57 13.52
C PRO A 193 2.32 -22.50 12.88
N ALA A 194 1.05 -22.06 12.76
CA ALA A 194 0.06 -22.89 12.11
C ALA A 194 0.34 -23.04 10.62
N ARG A 195 0.71 -21.95 9.95
CA ARG A 195 1.00 -21.99 8.52
C ARG A 195 2.22 -22.86 8.23
N SER A 196 3.26 -22.75 9.04
CA SER A 196 4.42 -23.63 8.90
C SER A 196 4.03 -25.08 9.18
N PHE A 197 3.20 -25.29 10.20
CA PHE A 197 2.83 -26.63 10.62
C PHE A 197 2.04 -27.36 9.53
N GLY A 198 1.16 -26.65 8.84
CA GLY A 198 0.38 -27.28 7.78
C GLY A 198 1.25 -27.80 6.64
N SER A 199 2.22 -26.98 6.22
CA SER A 199 3.15 -27.40 5.19
C SER A 199 4.02 -28.56 5.67
N ALA A 200 4.45 -28.52 6.94
CA ALA A 200 5.24 -29.60 7.49
C ALA A 200 4.46 -30.91 7.52
N VAL A 201 3.17 -30.83 7.86
CA VAL A 201 2.35 -32.03 7.92
C VAL A 201 2.09 -32.59 6.53
N ILE A 202 1.78 -31.71 5.57
CA ILE A 202 1.45 -32.20 4.22
C ILE A 202 2.68 -32.77 3.54
N THR A 203 3.84 -32.13 3.71
CA THR A 203 5.05 -32.63 3.09
C THR A 203 5.71 -33.77 3.85
N HIS A 204 5.21 -34.10 5.05
CA HIS A 204 5.78 -35.13 5.91
C HIS A 204 7.24 -34.85 6.24
N ASN A 205 7.60 -33.58 6.36
CA ASN A 205 8.97 -33.16 6.62
C ASN A 205 8.95 -32.18 7.78
N PHE A 206 9.62 -32.55 8.87
CA PHE A 206 9.65 -31.73 10.08
C PHE A 206 11.06 -31.28 10.45
N SER A 207 11.99 -31.31 9.50
CA SER A 207 13.35 -30.91 9.79
C SER A 207 13.39 -29.42 10.13
N ASN A 208 14.04 -29.08 11.24
CA ASN A 208 14.16 -27.72 11.74
C ASN A 208 12.80 -27.08 12.01
N HIS A 209 11.78 -27.89 12.30
CA HIS A 209 10.45 -27.33 12.51
C HIS A 209 10.30 -26.74 13.91
N TRP A 210 11.18 -27.10 14.84
CA TRP A 210 11.10 -26.52 16.18
C TRP A 210 11.34 -25.02 16.16
N ILE A 211 12.07 -24.54 15.15
CA ILE A 211 12.38 -23.11 15.05
C ILE A 211 11.11 -22.30 14.92
N PHE A 212 10.20 -22.75 14.05
CA PHE A 212 9.00 -22.00 13.71
C PHE A 212 7.90 -22.14 14.75
N TRP A 213 8.13 -22.90 15.82
CA TRP A 213 7.27 -22.91 16.99
C TRP A 213 7.92 -22.24 18.19
N VAL A 214 9.25 -22.25 18.28
CA VAL A 214 9.92 -21.64 19.42
C VAL A 214 10.11 -20.15 19.21
N GLY A 215 10.61 -19.76 18.03
CA GLY A 215 10.86 -18.38 17.72
C GLY A 215 9.63 -17.48 17.74
N PRO A 216 8.54 -17.91 17.09
CA PRO A 216 7.29 -17.16 17.24
C PRO A 216 6.80 -17.04 18.68
N PHE A 217 6.94 -18.09 19.50
CA PHE A 217 6.47 -18.00 20.87
C PHE A 217 7.36 -17.08 21.70
N ILE A 218 8.67 -17.16 21.51
CA ILE A 218 9.58 -16.25 22.21
C ILE A 218 9.32 -14.81 21.78
N GLY A 219 9.08 -14.59 20.49
CA GLY A 219 8.80 -13.24 20.01
C GLY A 219 7.50 -12.68 20.56
N GLY A 220 6.45 -13.50 20.59
CA GLY A 220 5.20 -13.06 21.17
C GLY A 220 5.31 -12.76 22.66
N ALA A 221 6.01 -13.63 23.40
CA ALA A 221 6.20 -13.39 24.82
C ALA A 221 7.02 -12.13 25.07
N LEU A 222 8.05 -11.90 24.26
CA LEU A 222 8.86 -10.69 24.40
C LEU A 222 8.04 -9.44 24.07
N ALA A 223 7.17 -9.53 23.06
CA ALA A 223 6.29 -8.40 22.75
C ALA A 223 5.34 -8.12 23.90
N VAL A 224 4.81 -9.17 24.52
CA VAL A 224 3.95 -8.99 25.69
C VAL A 224 4.71 -8.31 26.81
N LEU A 225 5.92 -8.79 27.09
CA LEU A 225 6.75 -8.20 28.14
C LEU A 225 7.01 -6.72 27.87
N ILE A 226 7.40 -6.40 26.63
CA ILE A 226 7.75 -5.03 26.27
C ILE A 226 6.54 -4.11 26.39
N TYR A 227 5.39 -4.55 25.85
CA TYR A 227 4.25 -3.64 25.78
C TYR A 227 3.54 -3.53 27.13
N ASP A 228 3.54 -4.59 27.94
CA ASP A 228 2.72 -4.58 29.14
C ASP A 228 3.52 -4.31 30.41
N PHE A 229 4.84 -4.41 30.38
CA PHE A 229 5.63 -4.18 31.59
C PHE A 229 6.80 -3.23 31.42
N ILE A 230 6.97 -2.64 30.24
CA ILE A 230 8.02 -1.66 29.98
C ILE A 230 7.43 -0.36 29.47
N LEU A 231 6.52 -0.43 28.50
CA LEU A 231 6.08 0.73 27.74
C LEU A 231 4.70 1.21 28.13
N ALA A 232 3.72 0.31 28.21
CA ALA A 232 2.34 0.65 28.51
C ALA A 232 1.84 -0.20 29.68
N PRO A 233 2.32 0.06 30.88
CA PRO A 233 1.83 -0.68 32.04
C PRO A 233 0.38 -0.36 32.35
N ARG A 234 -0.31 -1.34 32.89
N ARG A 234 -0.32 -1.35 32.89
CA ARG A 234 -1.69 -1.19 33.32
CA ARG A 234 -1.69 -1.18 33.32
C ARG A 234 -1.75 -1.03 34.84
C ARG A 234 -1.74 -1.02 34.83
N SER A 235 -2.68 -0.20 35.30
CA SER A 235 -2.85 0.06 36.73
C SER A 235 -3.82 -0.95 37.34
N SER A 236 -3.47 -2.22 37.19
CA SER A 236 -4.29 -3.32 37.68
C SER A 236 -3.39 -4.36 38.33
N ASP A 237 -3.87 -4.93 39.44
CA ASP A 237 -3.14 -6.01 40.08
C ASP A 237 -3.20 -7.28 39.22
N LEU A 238 -2.14 -8.07 39.29
CA LEU A 238 -2.06 -9.29 38.49
C LEU A 238 -3.13 -10.30 38.92
N THR A 239 -3.61 -10.20 40.15
CA THR A 239 -4.65 -11.10 40.63
C THR A 239 -5.93 -10.95 39.81
N ASP A 240 -6.30 -9.71 39.48
CA ASP A 240 -7.50 -9.49 38.67
C ASP A 240 -7.28 -9.93 37.23
N ARG A 241 -6.06 -9.72 36.71
CA ARG A 241 -5.79 -10.07 35.32
C ARG A 241 -5.73 -11.58 35.11
N VAL A 242 -5.30 -12.34 36.13
CA VAL A 242 -5.22 -13.79 36.00
C VAL A 242 -6.60 -14.40 35.85
N LYS A 243 -7.61 -13.83 36.49
CA LYS A 243 -8.96 -14.39 36.43
C LYS A 243 -9.51 -14.40 35.01
N VAL A 244 -8.97 -13.58 34.11
CA VAL A 244 -9.39 -13.59 32.72
C VAL A 244 -9.04 -14.93 32.06
N TRP A 245 -8.00 -15.60 32.55
CA TRP A 245 -7.62 -16.88 31.98
C TRP A 245 -8.71 -17.93 32.17
N THR A 246 -9.35 -17.96 33.33
CA THR A 246 -10.37 -18.94 33.62
C THR A 246 -11.78 -18.45 33.29
N SER A 247 -11.99 -17.13 33.20
CA SER A 247 -13.33 -16.60 32.98
C SER A 247 -13.59 -16.14 31.55
N GLY A 248 -12.62 -15.56 30.86
CA GLY A 248 -12.86 -15.07 29.53
C GLY A 248 -13.58 -13.74 29.47
N GLN A 249 -13.45 -12.92 30.51
CA GLN A 249 -14.07 -11.60 30.53
C GLN A 249 -13.07 -10.52 30.13
N SER B 3 -40.62 -0.19 -9.64
CA SER B 3 -40.24 0.81 -8.64
C SER B 3 -38.90 1.45 -8.99
N GLU B 4 -37.85 0.64 -9.06
CA GLU B 4 -36.52 1.15 -9.37
C GLU B 4 -36.37 1.54 -10.83
N PHE B 5 -37.22 1.01 -11.71
CA PHE B 5 -37.10 1.30 -13.14
C PHE B 5 -37.37 2.77 -13.44
N LYS B 6 -38.24 3.41 -12.66
CA LYS B 6 -38.70 4.76 -12.95
C LYS B 6 -37.97 5.82 -12.12
N LYS B 7 -36.88 5.45 -11.46
CA LYS B 7 -36.12 6.38 -10.64
C LYS B 7 -34.81 6.74 -11.35
N LYS B 8 -34.46 8.02 -11.33
CA LYS B 8 -33.27 8.47 -12.04
C LYS B 8 -32.00 8.10 -11.29
N LEU B 9 -32.08 7.98 -9.96
CA LEU B 9 -30.93 7.57 -9.17
C LEU B 9 -30.48 6.16 -9.53
N PHE B 10 -31.44 5.27 -9.79
CA PHE B 10 -31.11 3.91 -10.20
C PHE B 10 -30.35 3.90 -11.53
N TRP B 11 -30.80 4.70 -12.50
CA TRP B 11 -30.14 4.67 -13.80
C TRP B 11 -28.82 5.42 -13.78
N ARG B 12 -28.68 6.42 -12.91
CA ARG B 12 -27.36 7.00 -12.68
C ARG B 12 -26.42 5.97 -12.08
N ALA B 13 -26.93 5.12 -11.18
CA ALA B 13 -26.11 4.04 -10.64
C ALA B 13 -25.71 3.04 -11.72
N VAL B 14 -26.63 2.71 -12.63
CA VAL B 14 -26.32 1.78 -13.71
C VAL B 14 -25.27 2.36 -14.64
N VAL B 15 -25.40 3.64 -14.98
CA VAL B 15 -24.41 4.29 -15.84
C VAL B 15 -23.07 4.40 -15.13
N ALA B 16 -23.10 4.62 -13.81
CA ALA B 16 -21.87 4.62 -13.03
C ALA B 16 -21.19 3.26 -13.08
N GLU B 17 -21.98 2.19 -12.96
CA GLU B 17 -21.41 0.85 -13.09
C GLU B 17 -20.78 0.64 -14.45
N PHE B 18 -21.46 1.06 -15.51
CA PHE B 18 -20.92 0.91 -16.86
C PHE B 18 -19.61 1.68 -17.03
N LEU B 19 -19.59 2.96 -16.65
CA LEU B 19 -18.41 3.79 -16.87
C LEU B 19 -17.25 3.34 -15.99
N ALA B 20 -17.51 3.00 -14.73
CA ALA B 20 -16.44 2.57 -13.84
C ALA B 20 -15.90 1.21 -14.25
N THR B 21 -16.77 0.31 -14.74
CA THR B 21 -16.28 -0.96 -15.24
C THR B 21 -15.41 -0.76 -16.47
N THR B 22 -15.81 0.16 -17.36
CA THR B 22 -14.99 0.45 -18.53
C THR B 22 -13.61 0.97 -18.12
N LEU B 23 -13.58 1.93 -17.20
CA LEU B 23 -12.30 2.47 -16.75
C LEU B 23 -11.44 1.40 -16.09
N PHE B 24 -12.05 0.58 -15.22
CA PHE B 24 -11.31 -0.48 -14.53
C PHE B 24 -10.70 -1.47 -15.51
N VAL B 25 -11.52 -1.99 -16.43
CA VAL B 25 -11.04 -3.00 -17.37
C VAL B 25 -9.96 -2.41 -18.27
N PHE B 26 -10.18 -1.19 -18.76
CA PHE B 26 -9.19 -0.55 -19.63
C PHE B 26 -7.86 -0.38 -18.92
N ILE B 27 -7.87 0.22 -17.73
CA ILE B 27 -6.62 0.50 -17.02
C ILE B 27 -5.91 -0.80 -16.69
N SER B 28 -6.63 -1.79 -16.18
CA SER B 28 -6.00 -3.00 -15.69
C SER B 28 -5.45 -3.85 -16.83
N ILE B 29 -6.24 -4.06 -17.89
CA ILE B 29 -5.74 -4.86 -19.00
C ILE B 29 -4.70 -4.09 -19.81
N GLY B 30 -4.72 -2.76 -19.76
CA GLY B 30 -3.65 -1.99 -20.37
C GLY B 30 -2.35 -2.16 -19.63
N SER B 31 -2.41 -2.21 -18.30
CA SER B 31 -1.20 -2.51 -17.53
C SER B 31 -0.74 -3.94 -17.76
N ALA B 32 -1.69 -4.87 -17.96
CA ALA B 32 -1.31 -6.24 -18.23
C ALA B 32 -0.63 -6.38 -19.59
N LEU B 33 -0.99 -5.52 -20.55
CA LEU B 33 -0.36 -5.51 -21.86
C LEU B 33 0.83 -4.57 -21.94
N GLY B 34 1.20 -3.93 -20.84
CA GLY B 34 2.24 -2.91 -20.89
C GLY B 34 3.62 -3.49 -21.15
N PHE B 35 3.92 -4.66 -20.61
CA PHE B 35 5.28 -5.19 -20.66
C PHE B 35 5.71 -5.60 -22.05
N LYS B 36 4.79 -5.68 -23.02
CA LYS B 36 5.14 -6.08 -24.37
C LYS B 36 5.69 -4.95 -25.21
N TYR B 37 5.78 -3.75 -24.67
CA TYR B 37 6.28 -2.56 -25.35
C TYR B 37 7.70 -2.23 -24.86
N PRO B 38 8.56 -1.68 -25.74
CA PRO B 38 8.35 -1.33 -27.15
C PRO B 38 8.24 -2.54 -28.07
N VAL B 39 7.56 -2.39 -29.21
CA VAL B 39 7.35 -3.52 -30.12
C VAL B 39 8.66 -3.95 -30.75
N GLY B 40 9.43 -2.99 -31.26
CA GLY B 40 10.66 -3.33 -31.97
C GLY B 40 11.73 -3.91 -31.06
N ASN B 41 11.82 -3.40 -29.83
CA ASN B 41 12.87 -3.80 -28.91
C ASN B 41 12.75 -5.26 -28.51
N ASN B 42 13.64 -6.11 -29.03
CA ASN B 42 13.63 -7.54 -28.73
C ASN B 42 14.35 -7.77 -27.41
N GLN B 43 13.57 -7.88 -26.34
CA GLN B 43 14.09 -8.10 -25.00
C GLN B 43 13.32 -9.22 -24.33
N THR B 44 13.98 -9.90 -23.40
CA THR B 44 13.35 -10.97 -22.63
C THR B 44 12.45 -10.38 -21.53
N ALA B 45 11.44 -9.63 -21.97
CA ALA B 45 10.53 -8.98 -21.05
C ALA B 45 9.62 -9.99 -20.37
N VAL B 46 9.59 -9.94 -19.05
CA VAL B 46 8.80 -10.86 -18.23
C VAL B 46 7.68 -10.06 -17.58
N GLN B 47 6.47 -10.63 -17.58
CA GLN B 47 5.33 -9.98 -16.96
C GLN B 47 5.57 -9.77 -15.47
N ASP B 48 5.29 -8.56 -15.01
CA ASP B 48 5.39 -8.22 -13.60
C ASP B 48 4.04 -8.52 -12.95
N ASN B 49 4.02 -9.49 -12.04
CA ASN B 49 2.78 -9.86 -11.39
C ASN B 49 2.35 -8.82 -10.36
N VAL B 50 3.31 -8.20 -9.67
CA VAL B 50 3.00 -7.17 -8.70
C VAL B 50 2.38 -5.97 -9.41
N LYS B 51 2.93 -5.60 -10.57
CA LYS B 51 2.41 -4.45 -11.31
C LYS B 51 0.96 -4.68 -11.73
N VAL B 52 0.66 -5.86 -12.26
CA VAL B 52 -0.69 -6.15 -12.74
C VAL B 52 -1.66 -6.29 -11.58
N SER B 53 -1.24 -6.95 -10.50
CA SER B 53 -2.10 -7.09 -9.33
C SER B 53 -2.41 -5.73 -8.72
N LEU B 54 -1.40 -4.87 -8.61
CA LEU B 54 -1.63 -3.52 -8.10
C LEU B 54 -2.49 -2.71 -9.06
N ALA B 55 -2.35 -2.93 -10.36
CA ALA B 55 -3.19 -2.22 -11.32
C ALA B 55 -4.65 -2.56 -11.12
N PHE B 56 -4.98 -3.85 -11.09
CA PHE B 56 -6.36 -4.25 -10.85
C PHE B 56 -6.86 -3.77 -9.49
N GLY B 57 -6.05 -3.96 -8.45
CA GLY B 57 -6.51 -3.60 -7.10
C GLY B 57 -6.69 -2.11 -6.90
N LEU B 58 -5.73 -1.31 -7.36
CA LEU B 58 -5.84 0.13 -7.21
C LEU B 58 -6.87 0.71 -8.15
N SER B 59 -7.13 0.06 -9.29
CA SER B 59 -8.24 0.49 -10.13
C SER B 59 -9.57 0.28 -9.41
N ILE B 60 -9.73 -0.87 -8.75
CA ILE B 60 -10.94 -1.11 -7.98
C ILE B 60 -11.04 -0.12 -6.82
N ALA B 61 -9.93 0.14 -6.14
CA ALA B 61 -9.95 1.08 -5.02
C ALA B 61 -10.31 2.49 -5.46
N THR B 62 -9.71 2.96 -6.56
CA THR B 62 -9.97 4.31 -7.04
C THR B 62 -11.40 4.44 -7.54
N LEU B 63 -11.88 3.48 -8.32
CA LEU B 63 -13.24 3.59 -8.83
C LEU B 63 -14.28 3.37 -7.74
N ALA B 64 -13.95 2.59 -6.71
CA ALA B 64 -14.84 2.50 -5.56
C ALA B 64 -14.91 3.84 -4.83
N GLN B 65 -13.76 4.46 -4.58
CA GLN B 65 -13.74 5.81 -4.02
C GLN B 65 -14.54 6.78 -4.86
N SER B 66 -14.57 6.57 -6.17
CA SER B 66 -15.24 7.50 -7.07
C SER B 66 -16.76 7.30 -7.10
N VAL B 67 -17.23 6.06 -7.17
CA VAL B 67 -18.65 5.85 -7.45
C VAL B 67 -19.32 4.92 -6.43
N GLY B 68 -18.75 4.78 -5.24
CA GLY B 68 -19.37 3.94 -4.23
C GLY B 68 -20.67 4.51 -3.71
N HIS B 69 -20.71 5.82 -3.47
CA HIS B 69 -21.93 6.48 -3.04
C HIS B 69 -22.99 6.51 -4.12
N ILE B 70 -22.63 6.22 -5.36
CA ILE B 70 -23.57 6.30 -6.47
C ILE B 70 -24.13 4.93 -6.83
N SER B 71 -23.28 3.92 -6.96
CA SER B 71 -23.72 2.60 -7.40
C SER B 71 -23.43 1.47 -6.44
N GLY B 72 -22.73 1.72 -5.33
CA GLY B 72 -22.24 0.66 -4.49
C GLY B 72 -20.89 0.12 -4.90
N ALA B 73 -20.39 0.51 -6.08
CA ALA B 73 -19.04 0.22 -6.55
C ALA B 73 -18.80 -1.29 -6.63
N HIS B 74 -19.74 -1.98 -7.26
CA HIS B 74 -19.60 -3.43 -7.41
C HIS B 74 -18.54 -3.76 -8.45
N LEU B 75 -18.78 -3.37 -9.70
CA LEU B 75 -17.84 -3.53 -10.82
C LEU B 75 -17.46 -4.99 -11.04
N ASN B 76 -18.25 -5.91 -10.55
CA ASN B 76 -17.94 -7.33 -10.61
C ASN B 76 -19.25 -8.12 -10.55
N PRO B 77 -19.55 -8.93 -11.57
CA PRO B 77 -20.78 -9.72 -11.53
C PRO B 77 -20.85 -10.66 -10.34
N ALA B 78 -19.72 -11.16 -9.86
CA ALA B 78 -19.73 -12.04 -8.70
C ALA B 78 -20.03 -11.28 -7.42
N VAL B 79 -19.49 -10.07 -7.28
CA VAL B 79 -19.80 -9.25 -6.11
C VAL B 79 -21.28 -8.85 -6.12
N THR B 80 -21.79 -8.49 -7.29
CA THR B 80 -23.21 -8.15 -7.42
C THR B 80 -24.10 -9.34 -7.10
N LEU B 81 -23.72 -10.54 -7.58
CA LEU B 81 -24.50 -11.73 -7.25
C LEU B 81 -24.43 -12.06 -5.77
N GLY B 82 -23.27 -11.82 -5.14
CA GLY B 82 -23.17 -12.03 -3.71
C GLY B 82 -24.06 -11.09 -2.93
N LEU B 83 -24.08 -9.81 -3.31
CA LEU B 83 -24.96 -8.86 -2.65
C LEU B 83 -26.44 -9.18 -2.92
N LEU B 84 -26.73 -9.76 -4.08
CA LEU B 84 -28.09 -10.24 -4.36
C LEU B 84 -28.47 -11.37 -3.43
N LEU B 85 -27.60 -12.38 -3.30
CA LEU B 85 -27.91 -13.53 -2.47
C LEU B 85 -27.88 -13.20 -0.99
N SER B 86 -27.24 -12.11 -0.60
CA SER B 86 -27.31 -11.65 0.79
C SER B 86 -28.52 -10.75 0.97
O P1L B 87 -30.98 -7.84 1.20
N P1L B 87 -29.30 -10.61 -0.09
CA P1L B 87 -30.52 -9.84 -0.11
CB P1L B 87 -31.58 -10.49 0.77
SG P1L B 87 -32.06 -12.10 0.20
C7 P1L B 87 -31.74 -13.20 1.50
O7 P1L B 87 -31.28 -12.90 2.60
C8 P1L B 87 -32.04 -14.59 1.06
C9 P1L B 87 -30.91 -15.54 1.35
C10 P1L B 87 -31.19 -16.94 0.82
C11 P1L B 87 -29.95 -17.81 0.86
C12 P1L B 87 -29.27 -17.87 -0.48
C13 P1L B 87 -28.25 -18.99 -0.53
C14 P1L B 87 -27.47 -18.95 -1.83
C15 P1L B 87 -26.36 -19.98 -1.85
C16 P1L B 87 -26.79 -21.26 -2.54
C17 P1L B 87 -25.94 -21.53 -3.77
C18 P1L B 87 -26.27 -20.59 -4.91
C19 P1L B 87 -25.33 -20.81 -6.07
C20 P1L B 87 -25.52 -19.75 -7.15
C P1L B 87 -30.35 -8.38 0.30
C21 P1L B 87 -24.21 -19.44 -7.86
C22 P1L B 87 -23.53 -20.70 -8.35
N GLN B 88 -29.45 -7.72 -0.44
CA GLN B 88 -29.16 -6.31 -0.22
C GLN B 88 -29.59 -5.49 -1.43
N ILE B 89 -29.64 -6.14 -2.59
CA ILE B 89 -30.05 -5.49 -3.82
C ILE B 89 -31.14 -6.34 -4.47
N SER B 90 -31.93 -5.69 -5.32
CA SER B 90 -33.03 -6.36 -5.99
C SER B 90 -32.53 -7.16 -7.19
N ILE B 91 -33.41 -8.02 -7.70
CA ILE B 91 -33.07 -8.82 -8.87
C ILE B 91 -32.83 -7.92 -10.09
N PHE B 92 -33.67 -6.90 -10.25
CA PHE B 92 -33.53 -6.02 -11.41
C PHE B 92 -32.26 -5.20 -11.36
N ARG B 93 -31.90 -4.69 -10.18
CA ARG B 93 -30.64 -3.97 -10.05
C ARG B 93 -29.46 -4.89 -10.32
N ALA B 94 -29.53 -6.13 -9.82
CA ALA B 94 -28.46 -7.09 -10.09
C ALA B 94 -28.31 -7.36 -11.58
N LEU B 95 -29.42 -7.57 -12.28
CA LEU B 95 -29.36 -7.88 -13.71
C LEU B 95 -28.85 -6.68 -14.50
N MET B 96 -29.31 -5.47 -14.16
CA MET B 96 -28.83 -4.29 -14.86
C MET B 96 -27.36 -4.03 -14.58
N TYR B 97 -26.91 -4.26 -13.34
CA TYR B 97 -25.49 -4.12 -13.04
C TYR B 97 -24.66 -5.12 -13.81
N ILE B 98 -25.11 -6.38 -13.90
CA ILE B 98 -24.35 -7.38 -14.62
C ILE B 98 -24.28 -7.04 -16.11
N ILE B 99 -25.38 -6.59 -16.69
CA ILE B 99 -25.39 -6.19 -18.10
C ILE B 99 -24.45 -5.01 -18.31
N ALA B 100 -24.51 -4.02 -17.42
CA ALA B 100 -23.66 -2.84 -17.54
C ALA B 100 -22.18 -3.20 -17.41
N GLN B 101 -21.86 -4.10 -16.48
CA GLN B 101 -20.46 -4.51 -16.30
C GLN B 101 -19.94 -5.26 -17.51
N CYS B 102 -20.72 -6.20 -18.04
CA CYS B 102 -20.28 -6.93 -19.22
C CYS B 102 -20.12 -6.01 -20.43
N VAL B 103 -21.07 -5.11 -20.63
CA VAL B 103 -20.98 -4.20 -21.77
C VAL B 103 -19.80 -3.25 -21.61
N GLY B 104 -19.56 -2.74 -20.39
CA GLY B 104 -18.43 -1.87 -20.16
C GLY B 104 -17.10 -2.58 -20.37
N ALA B 105 -17.03 -3.84 -19.96
CA ALA B 105 -15.82 -4.63 -20.20
C ALA B 105 -15.60 -4.83 -21.71
N ILE B 106 -16.66 -5.12 -22.45
CA ILE B 106 -16.53 -5.30 -23.90
C ILE B 106 -16.04 -4.01 -24.55
N VAL B 107 -16.62 -2.88 -24.15
CA VAL B 107 -16.23 -1.60 -24.73
C VAL B 107 -14.77 -1.29 -24.40
N ALA B 108 -14.37 -1.50 -23.15
CA ALA B 108 -12.99 -1.24 -22.75
C ALA B 108 -12.01 -2.13 -23.50
N THR B 109 -12.36 -3.40 -23.69
CA THR B 109 -11.46 -4.31 -24.38
C THR B 109 -11.38 -3.98 -25.87
N ALA B 110 -12.47 -3.53 -26.48
CA ALA B 110 -12.42 -3.09 -27.88
C ALA B 110 -11.53 -1.85 -28.03
N ILE B 111 -11.67 -0.89 -27.12
CA ILE B 111 -10.82 0.29 -27.17
C ILE B 111 -9.36 -0.10 -26.96
N LEU B 112 -9.11 -1.05 -26.07
CA LEU B 112 -7.73 -1.47 -25.80
C LEU B 112 -7.15 -2.23 -26.98
N SER B 113 -7.98 -2.99 -27.69
CA SER B 113 -7.53 -3.62 -28.93
C SER B 113 -7.19 -2.57 -29.98
N GLY B 114 -7.94 -1.48 -30.00
CA GLY B 114 -7.57 -0.37 -30.89
C GLY B 114 -6.25 0.27 -30.52
N ILE B 115 -6.03 0.51 -29.22
CA ILE B 115 -4.83 1.22 -28.78
C ILE B 115 -3.59 0.34 -28.91
N THR B 116 -3.70 -0.96 -28.63
CA THR B 116 -2.57 -1.87 -28.67
C THR B 116 -2.47 -2.61 -30.00
N SER B 117 -2.83 -1.95 -31.10
CA SER B 117 -2.91 -2.63 -32.39
C SER B 117 -1.55 -3.08 -32.92
N SER B 118 -0.45 -2.47 -32.46
CA SER B 118 0.87 -2.86 -32.95
C SER B 118 1.30 -4.23 -32.46
N LEU B 119 0.69 -4.74 -31.40
CA LEU B 119 1.09 -6.02 -30.82
C LEU B 119 0.56 -7.16 -31.67
N THR B 120 1.47 -7.98 -32.20
CA THR B 120 1.08 -9.22 -32.85
C THR B 120 0.82 -10.29 -31.80
N GLY B 121 -0.21 -11.09 -32.04
CA GLY B 121 -0.63 -12.04 -31.03
C GLY B 121 -1.19 -11.37 -29.79
N ASN B 122 -1.94 -10.29 -29.97
CA ASN B 122 -2.53 -9.56 -28.86
C ASN B 122 -3.71 -10.33 -28.29
N SER B 123 -3.51 -11.01 -27.15
CA SER B 123 -4.57 -11.79 -26.54
C SER B 123 -5.53 -10.94 -25.73
N LEU B 124 -5.25 -9.64 -25.57
CA LEU B 124 -6.11 -8.70 -24.86
C LEU B 124 -6.32 -9.11 -23.41
N GLY B 125 -5.33 -9.79 -22.82
CA GLY B 125 -5.48 -10.28 -21.46
C GLY B 125 -6.56 -11.32 -21.28
N ARG B 126 -6.78 -12.18 -22.27
CA ARG B 126 -7.82 -13.19 -22.14
C ARG B 126 -7.40 -14.27 -21.16
N ASN B 127 -8.28 -14.56 -20.21
CA ASN B 127 -8.01 -15.55 -19.17
C ASN B 127 -8.04 -16.95 -19.77
N ASP B 128 -7.01 -17.73 -19.47
CA ASP B 128 -6.95 -19.12 -19.88
C ASP B 128 -6.03 -19.85 -18.91
N LEU B 129 -6.20 -21.16 -18.83
CA LEU B 129 -5.42 -21.96 -17.89
C LEU B 129 -3.96 -22.00 -18.31
N ALA B 130 -3.07 -21.88 -17.33
CA ALA B 130 -1.65 -22.00 -17.60
C ALA B 130 -1.30 -23.46 -17.89
N ASP B 131 -0.08 -23.66 -18.36
CA ASP B 131 0.40 -25.01 -18.62
C ASP B 131 0.70 -25.71 -17.29
N GLY B 132 -0.02 -26.80 -17.03
CA GLY B 132 0.06 -27.49 -15.77
C GLY B 132 -1.15 -27.35 -14.88
N VAL B 133 -2.11 -26.50 -15.24
CA VAL B 133 -3.33 -26.29 -14.45
C VAL B 133 -4.50 -26.74 -15.30
N ASN B 134 -5.28 -27.70 -14.78
CA ASN B 134 -6.43 -28.21 -15.51
C ASN B 134 -7.70 -27.51 -15.05
N SER B 135 -8.84 -28.02 -15.53
CA SER B 135 -10.11 -27.34 -15.32
C SER B 135 -10.48 -27.28 -13.84
N GLY B 136 -10.32 -28.38 -13.12
CA GLY B 136 -10.67 -28.37 -11.70
C GLY B 136 -9.77 -27.48 -10.88
N GLN B 137 -8.47 -27.51 -11.14
CA GLN B 137 -7.53 -26.70 -10.37
C GLN B 137 -7.76 -25.21 -10.62
N GLY B 138 -7.97 -24.82 -11.87
CA GLY B 138 -8.29 -23.44 -12.17
C GLY B 138 -9.63 -23.01 -11.60
N LEU B 139 -10.60 -23.93 -11.60
CA LEU B 139 -11.88 -23.64 -10.98
C LEU B 139 -11.73 -23.38 -9.49
N GLY B 140 -10.92 -24.19 -8.81
CA GLY B 140 -10.69 -23.95 -7.39
C GLY B 140 -9.96 -22.65 -7.13
N ILE B 141 -9.01 -22.30 -8.00
CA ILE B 141 -8.33 -21.02 -7.88
C ILE B 141 -9.32 -19.86 -7.97
N GLU B 142 -10.19 -19.89 -8.99
CA GLU B 142 -11.20 -18.85 -9.14
C GLU B 142 -12.17 -18.83 -7.96
N ILE B 143 -12.55 -20.01 -7.47
CA ILE B 143 -13.48 -20.11 -6.35
C ILE B 143 -12.91 -19.44 -5.12
N ILE B 144 -11.65 -19.73 -4.78
CA ILE B 144 -11.08 -19.17 -3.56
C ILE B 144 -10.85 -17.67 -3.70
N GLY B 145 -10.37 -17.23 -4.86
CA GLY B 145 -10.16 -15.80 -5.06
C GLY B 145 -11.44 -15.00 -4.94
N THR B 146 -12.49 -15.47 -5.61
CA THR B 146 -13.76 -14.77 -5.49
C THR B 146 -14.36 -14.94 -4.11
N LEU B 147 -14.09 -16.05 -3.42
CA LEU B 147 -14.60 -16.23 -2.08
C LEU B 147 -14.05 -15.17 -1.14
N GLN B 148 -12.74 -14.95 -1.15
CA GLN B 148 -12.17 -13.94 -0.29
C GLN B 148 -12.64 -12.55 -0.69
N LEU B 149 -12.78 -12.30 -2.00
CA LEU B 149 -13.25 -10.98 -2.44
C LEU B 149 -14.67 -10.69 -1.95
N VAL B 150 -15.61 -11.61 -2.22
CA VAL B 150 -16.99 -11.38 -1.85
C VAL B 150 -17.16 -11.38 -0.34
N LEU B 151 -16.36 -12.19 0.37
CA LEU B 151 -16.41 -12.17 1.83
C LEU B 151 -16.00 -10.81 2.38
N CYS B 152 -14.92 -10.22 1.84
CA CYS B 152 -14.51 -8.90 2.28
C CYS B 152 -15.57 -7.84 1.93
N VAL B 153 -16.18 -7.95 0.75
CA VAL B 153 -17.21 -6.99 0.36
C VAL B 153 -18.41 -7.08 1.29
N LEU B 154 -18.85 -8.29 1.62
CA LEU B 154 -19.97 -8.47 2.53
C LEU B 154 -19.64 -7.94 3.92
N ALA B 155 -18.43 -8.20 4.40
CA ALA B 155 -18.09 -7.78 5.76
C ALA B 155 -17.90 -6.28 5.86
N THR B 156 -17.42 -5.64 4.79
CA THR B 156 -17.16 -4.20 4.84
C THR B 156 -18.45 -3.40 4.93
N THR B 157 -19.55 -3.92 4.40
CA THR B 157 -20.81 -3.20 4.30
C THR B 157 -21.90 -3.83 5.18
N ASP B 158 -21.55 -4.22 6.41
CA ASP B 158 -22.52 -4.91 7.25
C ASP B 158 -23.53 -3.95 7.86
N ARG B 159 -23.13 -2.69 8.07
CA ARG B 159 -23.95 -1.62 8.65
C ARG B 159 -24.29 -1.86 10.11
N ARG B 160 -23.88 -3.00 10.66
CA ARG B 160 -23.98 -3.26 12.09
C ARG B 160 -22.65 -3.07 12.80
N ARG B 161 -21.60 -2.72 12.07
CA ARG B 161 -20.25 -2.66 12.59
C ARG B 161 -19.89 -1.23 12.94
N ARG B 162 -19.57 -0.99 14.21
CA ARG B 162 -19.12 0.31 14.67
C ARG B 162 -17.62 0.36 14.88
N ASP B 163 -16.92 -0.77 14.75
CA ASP B 163 -15.48 -0.83 14.88
C ASP B 163 -14.76 -0.55 13.56
N LEU B 164 -15.49 -0.48 12.45
CA LEU B 164 -14.86 -0.26 11.15
C LEU B 164 -14.16 1.09 11.10
N GLY B 165 -12.94 1.08 10.58
CA GLY B 165 -12.17 2.30 10.41
C GLY B 165 -11.38 2.24 9.13
N GLY B 166 -10.99 3.41 8.64
CA GLY B 166 -10.25 3.49 7.41
C GLY B 166 -11.14 3.48 6.18
N SER B 167 -10.50 3.23 5.04
CA SER B 167 -11.15 3.34 3.74
C SER B 167 -11.69 1.99 3.30
N ALA B 168 -13.01 1.89 3.16
CA ALA B 168 -13.60 0.70 2.55
C ALA B 168 -13.18 0.49 1.09
N PRO B 169 -13.12 1.52 0.22
CA PRO B 169 -12.59 1.27 -1.13
C PRO B 169 -11.19 0.70 -1.14
N LEU B 170 -10.33 1.17 -0.23
CA LEU B 170 -8.98 0.62 -0.15
C LEU B 170 -9.01 -0.85 0.26
N ALA B 171 -9.91 -1.22 1.18
CA ALA B 171 -10.01 -2.62 1.60
C ALA B 171 -10.45 -3.50 0.44
N ILE B 172 -11.46 -3.06 -0.32
CA ILE B 172 -11.92 -3.88 -1.45
C ILE B 172 -10.86 -3.96 -2.53
N GLY B 173 -10.14 -2.86 -2.76
CA GLY B 173 -9.07 -2.87 -3.74
C GLY B 173 -7.93 -3.80 -3.36
N LEU B 174 -7.54 -3.79 -2.09
CA LEU B 174 -6.50 -4.71 -1.64
C LEU B 174 -6.98 -6.15 -1.68
N SER B 175 -8.29 -6.39 -1.49
CA SER B 175 -8.81 -7.74 -1.68
C SER B 175 -8.69 -8.18 -3.13
N VAL B 176 -9.02 -7.30 -4.08
CA VAL B 176 -8.86 -7.63 -5.49
C VAL B 176 -7.40 -7.88 -5.83
N ALA B 177 -6.51 -7.04 -5.31
CA ALA B 177 -5.08 -7.21 -5.55
C ALA B 177 -4.57 -8.52 -4.97
N LEU B 178 -5.08 -8.92 -3.81
CA LEU B 178 -4.69 -10.19 -3.22
C LEU B 178 -5.18 -11.36 -4.06
N GLY B 179 -6.41 -11.27 -4.57
CA GLY B 179 -6.89 -12.29 -5.49
C GLY B 179 -6.02 -12.41 -6.72
N HIS B 180 -5.52 -11.28 -7.21
CA HIS B 180 -4.64 -11.32 -8.37
C HIS B 180 -3.28 -11.92 -8.03
N LEU B 181 -2.71 -11.53 -6.89
CA LEU B 181 -1.46 -12.12 -6.42
C LEU B 181 -1.56 -13.63 -6.30
N LEU B 182 -2.75 -14.13 -5.93
CA LEU B 182 -2.96 -15.57 -5.92
C LEU B 182 -3.06 -16.12 -7.35
N ALA B 183 -3.94 -15.56 -8.17
CA ALA B 183 -4.48 -16.28 -9.30
C ALA B 183 -3.85 -15.96 -10.66
N ILE B 184 -2.97 -14.96 -10.74
CA ILE B 184 -2.43 -14.57 -12.04
C ILE B 184 -1.61 -15.69 -12.66
N ASP B 185 -0.76 -16.33 -11.87
CA ASP B 185 0.13 -17.36 -12.42
C ASP B 185 -0.60 -18.65 -12.77
N TYR B 186 -1.82 -18.84 -12.28
CA TYR B 186 -2.56 -20.07 -12.54
C TYR B 186 -3.57 -19.90 -13.67
N THR B 187 -4.41 -18.86 -13.60
CA THR B 187 -5.44 -18.66 -14.61
C THR B 187 -5.42 -17.27 -15.24
N GLY B 188 -4.49 -16.40 -14.87
CA GLY B 188 -4.57 -15.02 -15.25
C GLY B 188 -5.44 -14.17 -14.35
N CYS B 189 -6.08 -14.78 -13.35
CA CYS B 189 -6.95 -14.13 -12.38
C CYS B 189 -8.12 -13.42 -13.07
N GLY B 190 -9.01 -14.23 -13.63
CA GLY B 190 -10.28 -13.70 -14.05
C GLY B 190 -11.00 -13.02 -12.90
N ILE B 191 -11.46 -13.82 -11.92
CA ILE B 191 -11.98 -13.35 -10.63
C ILE B 191 -13.19 -12.43 -10.78
N ASN B 192 -13.55 -12.12 -12.01
CA ASN B 192 -14.51 -11.10 -12.40
C ASN B 192 -15.09 -11.52 -13.75
N PRO B 193 -16.29 -12.10 -13.77
CA PRO B 193 -16.79 -12.67 -15.03
C PRO B 193 -16.91 -11.68 -16.17
N ALA B 194 -17.24 -10.42 -15.89
CA ALA B 194 -17.35 -9.43 -16.95
C ALA B 194 -15.99 -9.14 -17.58
N ARG B 195 -14.94 -9.03 -16.75
CA ARG B 195 -13.62 -8.72 -17.27
C ARG B 195 -13.11 -9.82 -18.19
N SER B 196 -13.33 -11.08 -17.82
CA SER B 196 -12.94 -12.18 -18.69
C SER B 196 -13.84 -12.25 -19.93
N PHE B 197 -15.13 -11.94 -19.75
CA PHE B 197 -16.07 -12.02 -20.86
C PHE B 197 -15.74 -11.01 -21.94
N GLY B 198 -15.29 -9.81 -21.56
CA GLY B 198 -14.94 -8.80 -22.55
C GLY B 198 -13.79 -9.24 -23.43
N SER B 199 -12.74 -9.79 -22.82
CA SER B 199 -11.61 -10.29 -23.59
C SER B 199 -12.03 -11.47 -24.46
N ALA B 200 -12.86 -12.37 -23.92
CA ALA B 200 -13.31 -13.52 -24.70
C ALA B 200 -14.12 -13.08 -25.90
N VAL B 201 -14.97 -12.07 -25.75
CA VAL B 201 -15.79 -11.60 -26.86
C VAL B 201 -14.92 -10.92 -27.90
N ILE B 202 -14.01 -10.06 -27.48
CA ILE B 202 -13.19 -9.31 -28.43
C ILE B 202 -12.26 -10.24 -29.20
N THR B 203 -11.64 -11.19 -28.52
CA THR B 203 -10.71 -12.10 -29.18
C THR B 203 -11.40 -13.30 -29.82
N HIS B 204 -12.72 -13.43 -29.69
CA HIS B 204 -13.49 -14.53 -30.26
C HIS B 204 -13.02 -15.90 -29.78
N ASN B 205 -12.57 -15.97 -28.53
CA ASN B 205 -12.06 -17.21 -27.95
C ASN B 205 -12.74 -17.45 -26.61
N PHE B 206 -13.65 -18.43 -26.58
CA PHE B 206 -14.35 -18.80 -25.36
C PHE B 206 -13.91 -20.17 -24.85
N SER B 207 -12.69 -20.59 -25.15
CA SER B 207 -12.18 -21.85 -24.65
C SER B 207 -11.96 -21.78 -23.15
N ASN B 208 -12.51 -22.75 -22.42
CA ASN B 208 -12.48 -22.80 -20.96
C ASN B 208 -13.07 -21.55 -20.32
N HIS B 209 -13.96 -20.86 -21.02
CA HIS B 209 -14.51 -19.62 -20.48
C HIS B 209 -15.60 -19.90 -19.45
N TRP B 210 -16.15 -21.11 -19.44
CA TRP B 210 -17.16 -21.46 -18.45
C TRP B 210 -16.57 -21.46 -17.04
N ILE B 211 -15.27 -21.69 -16.92
CA ILE B 211 -14.63 -21.69 -15.60
C ILE B 211 -14.74 -20.31 -14.97
N PHE B 212 -14.47 -19.27 -15.73
CA PHE B 212 -14.42 -17.90 -15.21
C PHE B 212 -15.79 -17.30 -15.00
N TRP B 213 -16.86 -18.01 -15.38
CA TRP B 213 -18.22 -17.68 -14.99
C TRP B 213 -18.74 -18.54 -13.85
N VAL B 214 -18.36 -19.81 -13.80
CA VAL B 214 -18.89 -20.71 -12.77
C VAL B 214 -18.17 -20.52 -11.45
N GLY B 215 -16.83 -20.51 -11.48
CA GLY B 215 -16.04 -20.41 -10.29
C GLY B 215 -16.28 -19.17 -9.45
N PRO B 216 -16.26 -17.99 -10.06
CA PRO B 216 -16.58 -16.78 -9.28
C PRO B 216 -17.97 -16.78 -8.66
N PHE B 217 -18.97 -17.35 -9.34
CA PHE B 217 -20.30 -17.39 -8.76
C PHE B 217 -20.37 -18.37 -7.58
N ILE B 218 -19.68 -19.51 -7.69
CA ILE B 218 -19.60 -20.44 -6.57
C ILE B 218 -18.88 -19.79 -5.39
N GLY B 219 -17.80 -19.05 -5.66
CA GLY B 219 -17.10 -18.35 -4.60
C GLY B 219 -17.95 -17.30 -3.92
N GLY B 220 -18.73 -16.55 -4.71
CA GLY B 220 -19.62 -15.57 -4.12
C GLY B 220 -20.70 -16.21 -3.26
N ALA B 221 -21.28 -17.31 -3.75
CA ALA B 221 -22.30 -18.02 -2.97
C ALA B 221 -21.72 -18.56 -1.67
N LEU B 222 -20.50 -19.11 -1.73
CA LEU B 222 -19.87 -19.63 -0.53
C LEU B 222 -19.57 -18.52 0.46
N ALA B 223 -19.11 -17.36 -0.03
CA ALA B 223 -18.87 -16.23 0.86
C ALA B 223 -20.16 -15.75 1.51
N VAL B 224 -21.25 -15.72 0.74
CA VAL B 224 -22.55 -15.34 1.30
C VAL B 224 -22.96 -16.31 2.40
N LEU B 225 -22.82 -17.61 2.14
CA LEU B 225 -23.17 -18.62 3.15
C LEU B 225 -22.33 -18.43 4.41
N ILE B 226 -21.02 -18.24 4.23
CA ILE B 226 -20.10 -18.12 5.37
C ILE B 226 -20.45 -16.90 6.20
N TYR B 227 -20.70 -15.76 5.56
CA TYR B 227 -20.89 -14.54 6.33
C TYR B 227 -22.28 -14.44 6.94
N ASP B 228 -23.31 -14.87 6.21
CA ASP B 228 -24.67 -14.61 6.66
C ASP B 228 -25.34 -15.81 7.31
N PHE B 229 -24.69 -16.97 7.37
CA PHE B 229 -25.31 -18.11 8.01
C PHE B 229 -24.40 -18.86 8.97
N ILE B 230 -23.11 -18.52 9.04
CA ILE B 230 -22.16 -19.21 9.90
C ILE B 230 -21.51 -18.25 10.89
N LEU B 231 -21.02 -17.12 10.41
CA LEU B 231 -20.18 -16.24 11.23
C LEU B 231 -20.93 -15.03 11.79
N ALA B 232 -21.64 -14.28 10.94
CA ALA B 232 -22.36 -13.09 11.37
C ALA B 232 -23.81 -13.18 10.90
N PRO B 233 -24.62 -14.04 11.51
CA PRO B 233 -26.02 -14.14 11.10
C PRO B 233 -26.81 -12.91 11.51
N ARG B 234 -27.87 -12.64 10.75
N ARG B 234 -27.86 -12.63 10.75
CA ARG B 234 -28.76 -11.52 11.04
CA ARG B 234 -28.77 -11.54 11.02
C ARG B 234 -30.04 -12.00 11.71
C ARG B 234 -30.02 -12.03 11.74
N SER B 235 -30.52 -11.21 12.65
CA SER B 235 -31.73 -11.54 13.41
C SER B 235 -32.98 -11.06 12.65
N SER B 236 -33.18 -11.65 11.48
CA SER B 236 -34.29 -11.30 10.62
C SER B 236 -34.79 -12.53 9.88
N ASP B 237 -36.09 -12.58 9.61
CA ASP B 237 -36.66 -13.73 8.92
C ASP B 237 -36.28 -13.72 7.44
N LEU B 238 -36.11 -14.92 6.88
CA LEU B 238 -35.76 -15.03 5.47
C LEU B 238 -36.85 -14.48 4.58
N THR B 239 -38.12 -14.56 5.03
CA THR B 239 -39.22 -14.02 4.24
C THR B 239 -39.11 -12.51 4.09
N ASP B 240 -38.73 -11.82 5.16
CA ASP B 240 -38.56 -10.36 5.09
C ASP B 240 -37.38 -9.98 4.22
N ARG B 241 -36.32 -10.80 4.24
CA ARG B 241 -35.13 -10.49 3.46
C ARG B 241 -35.33 -10.77 1.97
N VAL B 242 -36.13 -11.80 1.64
CA VAL B 242 -36.37 -12.13 0.23
C VAL B 242 -37.16 -11.03 -0.46
N LYS B 243 -37.98 -10.28 0.29
CA LYS B 243 -38.80 -9.23 -0.30
C LYS B 243 -37.96 -8.13 -0.92
N VAL B 244 -36.67 -8.02 -0.54
CA VAL B 244 -35.78 -7.05 -1.15
C VAL B 244 -35.55 -7.37 -2.62
N TRP B 245 -35.69 -8.64 -3.00
CA TRP B 245 -35.46 -9.03 -4.39
C TRP B 245 -36.46 -8.35 -5.33
N THR B 246 -37.72 -8.26 -4.91
CA THR B 246 -38.74 -7.58 -5.70
C THR B 246 -38.97 -6.14 -5.26
N SER B 247 -38.39 -5.71 -4.15
CA SER B 247 -38.57 -4.35 -3.66
C SER B 247 -37.32 -3.49 -3.77
N GLY B 248 -36.14 -4.04 -3.54
CA GLY B 248 -34.94 -3.24 -3.51
C GLY B 248 -34.70 -2.50 -2.22
N GLN B 249 -35.43 -2.82 -1.16
CA GLN B 249 -35.27 -2.15 0.12
C GLN B 249 -34.36 -2.94 1.06
N SER C 3 12.86 18.88 34.88
CA SER C 3 11.47 18.54 35.17
C SER C 3 11.12 17.16 34.63
N GLU C 4 11.42 16.93 33.35
CA GLU C 4 11.15 15.64 32.73
C GLU C 4 12.12 14.56 33.19
N PHE C 5 13.21 14.94 33.85
CA PHE C 5 14.18 13.95 34.35
C PHE C 5 13.56 13.07 35.42
N LYS C 6 12.59 13.59 36.18
CA LYS C 6 12.03 12.88 37.33
C LYS C 6 10.64 12.31 37.06
N LYS C 7 10.34 11.96 35.81
CA LYS C 7 9.06 11.37 35.45
C LYS C 7 9.27 10.00 34.85
N LYS C 8 8.39 9.05 35.21
CA LYS C 8 8.49 7.71 34.66
C LYS C 8 8.13 7.68 33.19
N LEU C 9 7.14 8.47 32.78
CA LEU C 9 6.66 8.45 31.40
C LEU C 9 7.74 8.90 30.43
N PHE C 10 8.58 9.85 30.85
CA PHE C 10 9.66 10.33 29.99
C PHE C 10 10.63 9.21 29.65
N TRP C 11 11.06 8.45 30.66
CA TRP C 11 12.01 7.38 30.41
C TRP C 11 11.35 6.19 29.74
N ARG C 12 10.05 5.99 29.96
CA ARG C 12 9.32 5.01 29.16
C ARG C 12 9.34 5.38 27.69
N ALA C 13 9.16 6.68 27.39
CA ALA C 13 9.25 7.14 26.01
C ALA C 13 10.65 6.94 25.44
N VAL C 14 11.68 7.21 26.24
CA VAL C 14 13.06 7.05 25.75
C VAL C 14 13.35 5.58 25.46
N VAL C 15 12.90 4.69 26.34
CA VAL C 15 13.09 3.26 26.11
C VAL C 15 12.29 2.80 24.89
N ALA C 16 11.12 3.38 24.68
CA ALA C 16 10.34 3.07 23.48
C ALA C 16 11.09 3.48 22.23
N GLU C 17 11.71 4.67 22.24
CA GLU C 17 12.52 5.11 21.10
C GLU C 17 13.68 4.17 20.85
N PHE C 18 14.37 3.75 21.91
CA PHE C 18 15.50 2.84 21.76
C PHE C 18 15.06 1.50 21.17
N LEU C 19 14.03 0.88 21.75
CA LEU C 19 13.57 -0.43 21.28
C LEU C 19 13.03 -0.36 19.86
N ALA C 20 12.25 0.68 19.55
CA ALA C 20 11.66 0.78 18.22
C ALA C 20 12.72 1.07 17.17
N THR C 21 13.74 1.87 17.50
CA THR C 21 14.83 2.08 16.57
C THR C 21 15.61 0.79 16.34
N THR C 22 15.82 0.01 17.40
CA THR C 22 16.47 -1.29 17.24
C THR C 22 15.68 -2.18 16.28
N LEU C 23 14.37 -2.30 16.50
CA LEU C 23 13.55 -3.15 15.63
C LEU C 23 13.54 -2.64 14.20
N PHE C 24 13.44 -1.31 14.02
CA PHE C 24 13.40 -0.73 12.67
C PHE C 24 14.69 -1.01 11.93
N VAL C 25 15.83 -0.69 12.54
CA VAL C 25 17.12 -0.91 11.89
C VAL C 25 17.31 -2.39 11.56
N PHE C 26 17.02 -3.26 12.52
CA PHE C 26 17.22 -4.69 12.30
C PHE C 26 16.37 -5.18 11.14
N ILE C 27 15.06 -4.94 11.18
CA ILE C 27 14.16 -5.50 10.17
C ILE C 27 14.51 -4.94 8.79
N SER C 28 14.73 -3.64 8.71
CA SER C 28 14.93 -3.00 7.41
C SER C 28 16.27 -3.40 6.79
N ILE C 29 17.36 -3.33 7.56
CA ILE C 29 18.64 -3.72 6.99
C ILE C 29 18.69 -5.22 6.72
N GLY C 30 18.03 -6.04 7.54
CA GLY C 30 17.97 -7.46 7.25
C GLY C 30 17.22 -7.76 5.97
N SER C 31 16.16 -7.00 5.70
CA SER C 31 15.48 -7.15 4.41
C SER C 31 16.34 -6.66 3.26
N ALA C 32 17.19 -5.66 3.52
CA ALA C 32 18.07 -5.16 2.48
C ALA C 32 19.13 -6.18 2.09
N LEU C 33 19.58 -6.99 3.06
CA LEU C 33 20.63 -7.97 2.82
C LEU C 33 20.09 -9.32 2.35
N GLY C 34 18.77 -9.47 2.27
CA GLY C 34 18.21 -10.80 2.05
C GLY C 34 18.55 -11.39 0.70
N PHE C 35 18.69 -10.55 -0.32
CA PHE C 35 18.84 -11.04 -1.69
C PHE C 35 20.15 -11.76 -1.92
N LYS C 36 21.10 -11.69 -0.98
CA LYS C 36 22.35 -12.41 -1.10
C LYS C 36 22.22 -13.89 -0.72
N TYR C 37 21.11 -14.29 -0.12
CA TYR C 37 20.92 -15.69 0.26
C TYR C 37 20.14 -16.43 -0.83
N PRO C 38 20.46 -17.72 -1.08
CA PRO C 38 21.45 -18.59 -0.41
C PRO C 38 22.88 -18.22 -0.73
N VAL C 39 23.80 -18.49 0.20
CA VAL C 39 25.20 -18.13 0.01
C VAL C 39 25.87 -19.07 -0.97
N GLY C 40 25.60 -20.38 -0.86
CA GLY C 40 26.26 -21.34 -1.72
C GLY C 40 25.88 -21.20 -3.17
N ASN C 41 24.63 -20.85 -3.44
CA ASN C 41 24.15 -20.72 -4.82
C ASN C 41 24.82 -19.56 -5.53
N ASN C 42 25.50 -19.84 -6.64
CA ASN C 42 26.17 -18.80 -7.42
C ASN C 42 25.17 -18.23 -8.43
N GLN C 43 24.42 -17.23 -7.99
CA GLN C 43 23.41 -16.60 -8.83
C GLN C 43 23.60 -15.09 -8.79
N THR C 44 23.38 -14.45 -9.94
CA THR C 44 23.49 -13.00 -10.07
C THR C 44 22.14 -12.33 -9.75
N ALA C 45 21.68 -12.59 -8.52
CA ALA C 45 20.45 -11.97 -8.05
C ALA C 45 20.62 -10.47 -7.91
N VAL C 46 19.57 -9.73 -8.24
CA VAL C 46 19.60 -8.27 -8.23
C VAL C 46 18.74 -7.77 -7.09
N GLN C 47 19.23 -6.74 -6.39
CA GLN C 47 18.49 -6.15 -5.28
C GLN C 47 17.16 -5.58 -5.76
N ASP C 48 16.10 -5.87 -5.02
CA ASP C 48 14.76 -5.37 -5.31
C ASP C 48 14.55 -4.09 -4.53
N ASN C 49 14.52 -2.96 -5.23
CA ASN C 49 14.35 -1.67 -4.58
C ASN C 49 12.98 -1.53 -3.93
N VAL C 50 11.96 -2.11 -4.55
CA VAL C 50 10.62 -2.05 -3.97
C VAL C 50 10.57 -2.81 -2.65
N LYS C 51 11.23 -3.97 -2.59
CA LYS C 51 11.25 -4.75 -1.36
C LYS C 51 11.88 -3.97 -0.21
N VAL C 52 13.04 -3.38 -0.47
CA VAL C 52 13.76 -2.66 0.59
C VAL C 52 13.01 -1.40 1.00
N SER C 53 12.47 -0.67 0.02
CA SER C 53 11.71 0.54 0.34
C SER C 53 10.45 0.22 1.13
N LEU C 54 9.72 -0.83 0.73
CA LEU C 54 8.56 -1.24 1.48
C LEU C 54 8.94 -1.76 2.87
N ALA C 55 10.10 -2.41 2.98
CA ALA C 55 10.56 -2.86 4.29
C ALA C 55 10.77 -1.68 5.23
N PHE C 56 11.52 -0.67 4.78
CA PHE C 56 11.75 0.51 5.62
C PHE C 56 10.44 1.22 5.94
N GLY C 57 9.59 1.41 4.93
CA GLY C 57 8.36 2.15 5.14
C GLY C 57 7.38 1.44 6.06
N LEU C 58 7.16 0.15 5.82
CA LEU C 58 6.27 -0.63 6.66
C LEU C 58 6.84 -0.81 8.05
N SER C 59 8.16 -0.82 8.19
CA SER C 59 8.76 -0.85 9.53
C SER C 59 8.43 0.42 10.29
N ILE C 60 8.59 1.57 9.64
CA ILE C 60 8.27 2.83 10.31
C ILE C 60 6.78 2.90 10.63
N ALA C 61 5.93 2.44 9.71
CA ALA C 61 4.48 2.48 9.92
C ALA C 61 4.08 1.59 11.09
N THR C 62 4.57 0.35 11.11
CA THR C 62 4.21 -0.59 12.16
C THR C 62 4.73 -0.13 13.51
N LEU C 63 5.96 0.37 13.56
CA LEU C 63 6.50 0.81 14.84
C LEU C 63 5.86 2.11 15.32
N ALA C 64 5.42 2.96 14.40
CA ALA C 64 4.67 4.14 14.81
C ALA C 64 3.33 3.74 15.40
N GLN C 65 2.61 2.84 14.72
CA GLN C 65 1.37 2.29 15.27
C GLN C 65 1.60 1.64 16.62
N SER C 66 2.80 1.12 16.86
CA SER C 66 3.10 0.45 18.13
C SER C 66 3.40 1.44 19.26
N VAL C 67 4.28 2.42 19.03
CA VAL C 67 4.80 3.21 20.15
C VAL C 67 4.64 4.71 19.97
N GLY C 68 3.77 5.16 19.06
CA GLY C 68 3.58 6.58 18.88
C GLY C 68 2.89 7.25 20.05
N HIS C 69 1.92 6.56 20.66
CA HIS C 69 1.27 7.09 21.84
C HIS C 69 2.19 7.12 23.05
N ILE C 70 3.28 6.36 23.02
CA ILE C 70 4.21 6.31 24.13
C ILE C 70 5.32 7.35 23.98
N SER C 71 5.94 7.43 22.80
CA SER C 71 7.09 8.30 22.62
C SER C 71 6.94 9.31 21.49
N GLY C 72 5.92 9.19 20.64
CA GLY C 72 5.82 10.00 19.44
C GLY C 72 6.36 9.34 18.19
N ALA C 73 7.14 8.26 18.35
CA ALA C 73 7.64 7.45 17.24
C ALA C 73 8.43 8.29 16.23
N HIS C 74 9.44 8.99 16.76
CA HIS C 74 10.33 9.77 15.89
C HIS C 74 11.21 8.84 15.07
N LEU C 75 12.04 8.04 15.75
CA LEU C 75 12.86 6.98 15.14
C LEU C 75 13.84 7.52 14.11
N ASN C 76 14.12 8.81 14.18
CA ASN C 76 14.96 9.49 13.21
C ASN C 76 15.53 10.74 13.88
N PRO C 77 16.85 10.85 14.03
CA PRO C 77 17.41 12.08 14.61
C PRO C 77 17.06 13.34 13.83
N ALA C 78 16.89 13.23 12.51
CA ALA C 78 16.47 14.39 11.73
C ALA C 78 15.04 14.79 12.07
N VAL C 79 14.15 13.81 12.25
CA VAL C 79 12.78 14.10 12.64
C VAL C 79 12.74 14.72 14.03
N THR C 80 13.53 14.18 14.96
CA THR C 80 13.59 14.75 16.31
C THR C 80 14.15 16.17 16.28
N LEU C 81 15.18 16.42 15.49
CA LEU C 81 15.72 17.77 15.37
C LEU C 81 14.70 18.71 14.73
N GLY C 82 13.92 18.23 13.77
CA GLY C 82 12.88 19.05 13.18
C GLY C 82 11.79 19.39 14.18
N LEU C 83 11.39 18.42 14.99
CA LEU C 83 10.37 18.70 16.01
C LEU C 83 10.93 19.56 17.14
N LEU C 84 12.25 19.57 17.31
CA LEU C 84 12.86 20.51 18.26
C LEU C 84 12.88 21.92 17.70
N LEU C 85 13.24 22.06 16.42
CA LEU C 85 13.26 23.38 15.79
C LEU C 85 11.87 23.94 15.55
N SER C 86 10.85 23.09 15.54
CA SER C 86 9.48 23.55 15.46
C SER C 86 8.91 23.74 16.85
O P1L C 87 7.24 23.50 20.22
N P1L C 87 9.78 23.58 17.85
CA P1L C 87 9.45 23.76 19.24
CB P1L C 87 9.22 25.23 19.55
SG P1L C 87 10.70 26.22 19.41
C7 P1L C 87 10.44 27.26 18.05
O7 P1L C 87 9.49 27.22 17.26
C8 P1L C 87 11.67 28.09 17.83
C9 P1L C 87 11.96 28.29 16.36
C10 P1L C 87 13.11 29.25 16.13
C11 P1L C 87 13.48 29.28 14.66
C12 P1L C 87 13.87 27.92 14.15
C13 P1L C 87 14.48 27.99 12.77
C14 P1L C 87 14.90 26.62 12.29
C15 P1L C 87 16.13 26.67 11.40
C16 P1L C 87 17.40 26.75 12.23
C17 P1L C 87 18.62 26.50 11.39
C18 P1L C 87 19.21 25.13 11.64
C19 P1L C 87 20.51 24.93 10.88
C20 P1L C 87 21.19 23.64 11.27
C P1L C 87 8.24 22.97 19.73
C21 P1L C 87 20.65 22.45 10.49
C22 P1L C 87 21.74 21.73 9.74
N GLN C 88 8.35 21.66 19.60
CA GLN C 88 7.30 20.76 20.06
C GLN C 88 7.79 19.89 21.21
N ILE C 89 9.11 19.75 21.32
CA ILE C 89 9.73 18.95 22.37
C ILE C 89 10.82 19.77 23.03
N SER C 90 11.24 19.32 24.21
CA SER C 90 12.30 20.00 24.94
C SER C 90 13.67 19.55 24.43
N ILE C 91 14.70 20.31 24.79
CA ILE C 91 16.05 19.98 24.37
C ILE C 91 16.50 18.68 25.01
N PHE C 92 16.16 18.46 26.27
CA PHE C 92 16.55 17.23 26.96
C PHE C 92 15.89 16.02 26.31
N ARG C 93 14.60 16.15 25.95
CA ARG C 93 13.92 15.05 25.26
C ARG C 93 14.57 14.75 23.92
N ALA C 94 14.93 15.79 23.17
CA ALA C 94 15.58 15.58 21.88
C ALA C 94 16.93 14.90 22.05
N LEU C 95 17.71 15.34 23.04
CA LEU C 95 19.03 14.75 23.27
C LEU C 95 18.93 13.29 23.64
N MET C 96 18.03 12.96 24.57
CA MET C 96 17.87 11.57 24.99
C MET C 96 17.30 10.72 23.87
N TYR C 97 16.38 11.27 23.07
CA TYR C 97 15.84 10.56 21.93
C TYR C 97 16.93 10.22 20.92
N ILE C 98 17.80 11.18 20.61
CA ILE C 98 18.84 10.95 19.62
C ILE C 98 19.86 9.93 20.14
N ILE C 99 20.21 10.02 21.42
CA ILE C 99 21.13 9.04 22.01
C ILE C 99 20.51 7.65 21.95
N ALA C 100 19.23 7.54 22.30
CA ALA C 100 18.55 6.24 22.26
C ALA C 100 18.48 5.69 20.85
N GLN C 101 18.21 6.54 19.87
CA GLN C 101 18.11 6.08 18.48
C GLN C 101 19.47 5.59 17.97
N CYS C 102 20.54 6.33 18.26
CA CYS C 102 21.87 5.91 17.83
C CYS C 102 22.27 4.60 18.50
N VAL C 103 22.04 4.48 19.80
CA VAL C 103 22.40 3.25 20.51
C VAL C 103 21.58 2.08 19.99
N GLY C 104 20.29 2.28 19.74
CA GLY C 104 19.47 1.21 19.22
C GLY C 104 19.89 0.76 17.84
N ALA C 105 20.27 1.71 16.98
CA ALA C 105 20.78 1.35 15.66
C ALA C 105 22.08 0.57 15.75
N ILE C 106 22.97 0.97 16.67
CA ILE C 106 24.22 0.26 16.87
C ILE C 106 23.96 -1.18 17.33
N VAL C 107 23.04 -1.35 18.29
CA VAL C 107 22.72 -2.67 18.81
C VAL C 107 22.08 -3.53 17.73
N ALA C 108 21.16 -2.95 16.95
CA ALA C 108 20.50 -3.71 15.89
C ALA C 108 21.49 -4.14 14.81
N THR C 109 22.41 -3.24 14.43
CA THR C 109 23.40 -3.60 13.44
C THR C 109 24.36 -4.68 13.95
N ALA C 110 24.72 -4.62 15.24
CA ALA C 110 25.54 -5.67 15.81
C ALA C 110 24.84 -7.03 15.78
N ILE C 111 23.56 -7.05 16.18
CA ILE C 111 22.83 -8.31 16.19
C ILE C 111 22.64 -8.86 14.78
N LEU C 112 22.38 -7.97 13.82
CA LEU C 112 22.20 -8.43 12.44
C LEU C 112 23.51 -8.90 11.83
N SER C 113 24.63 -8.27 12.20
CA SER C 113 25.93 -8.78 11.77
C SER C 113 26.20 -10.16 12.34
N GLY C 114 25.78 -10.38 13.59
CA GLY C 114 25.83 -11.73 14.13
C GLY C 114 24.98 -12.70 13.34
N ILE C 115 23.77 -12.29 12.95
CA ILE C 115 22.88 -13.17 12.20
C ILE C 115 23.39 -13.41 10.79
N THR C 116 23.92 -12.38 10.13
CA THR C 116 24.36 -12.48 8.75
C THR C 116 25.86 -12.71 8.61
N SER C 117 26.44 -13.51 9.50
CA SER C 117 27.89 -13.73 9.50
C SER C 117 28.36 -14.51 8.28
N SER C 118 27.52 -15.36 7.70
CA SER C 118 27.93 -16.16 6.55
C SER C 118 28.07 -15.34 5.27
N LEU C 119 27.64 -14.09 5.27
CA LEU C 119 27.84 -13.22 4.12
C LEU C 119 29.27 -12.69 4.15
N THR C 120 30.05 -13.03 3.12
CA THR C 120 31.41 -12.56 3.03
C THR C 120 31.44 -11.18 2.38
N GLY C 121 32.24 -10.28 2.94
CA GLY C 121 32.21 -8.90 2.50
C GLY C 121 30.88 -8.23 2.78
N ASN C 122 30.32 -8.47 3.97
CA ASN C 122 29.03 -7.92 4.33
C ASN C 122 29.15 -6.45 4.71
N SER C 123 28.52 -5.58 3.94
CA SER C 123 28.55 -4.15 4.24
C SER C 123 27.55 -3.75 5.32
N LEU C 124 26.66 -4.66 5.71
CA LEU C 124 25.61 -4.39 6.70
C LEU C 124 24.74 -3.21 6.29
N GLY C 125 24.48 -3.09 4.99
CA GLY C 125 23.69 -1.98 4.49
C GLY C 125 24.32 -0.62 4.72
N ARG C 126 25.64 -0.55 4.67
CA ARG C 126 26.32 0.73 4.91
C ARG C 126 26.01 1.69 3.78
N ASN C 127 25.63 2.91 4.14
CA ASN C 127 25.26 3.93 3.16
C ASN C 127 26.50 4.56 2.56
N ASP C 128 26.59 4.53 1.23
CA ASP C 128 27.68 5.19 0.53
C ASP C 128 27.21 5.55 -0.87
N LEU C 129 27.93 6.48 -1.48
CA LEU C 129 27.58 6.97 -2.81
C LEU C 129 27.81 5.89 -3.86
N ALA C 130 26.97 5.91 -4.88
CA ALA C 130 27.16 4.99 -6.00
C ALA C 130 28.21 5.55 -6.96
N ASP C 131 28.46 4.79 -8.04
CA ASP C 131 29.37 5.26 -9.07
C ASP C 131 28.66 6.26 -9.98
N GLY C 132 29.24 7.45 -10.11
CA GLY C 132 28.61 8.55 -10.82
C GLY C 132 27.98 9.59 -9.93
N VAL C 133 27.92 9.35 -8.62
CA VAL C 133 27.36 10.30 -7.67
C VAL C 133 28.48 10.75 -6.75
N ASN C 134 28.77 12.05 -6.75
CA ASN C 134 29.77 12.60 -5.85
C ASN C 134 29.11 13.05 -4.56
N SER C 135 29.86 13.77 -3.73
CA SER C 135 29.34 14.19 -2.43
C SER C 135 28.15 15.15 -2.59
N GLY C 136 28.23 16.08 -3.54
CA GLY C 136 27.18 17.07 -3.67
C GLY C 136 25.86 16.50 -4.13
N GLN C 137 25.89 15.58 -5.09
CA GLN C 137 24.65 15.03 -5.63
C GLN C 137 23.96 14.12 -4.61
N GLY C 138 24.73 13.27 -3.93
CA GLY C 138 24.17 12.47 -2.86
C GLY C 138 23.67 13.32 -1.71
N LEU C 139 24.40 14.40 -1.41
CA LEU C 139 23.94 15.34 -0.39
C LEU C 139 22.59 15.95 -0.77
N GLY C 140 22.43 16.33 -2.05
CA GLY C 140 21.16 16.89 -2.48
C GLY C 140 20.02 15.88 -2.40
N ILE C 141 20.28 14.65 -2.83
CA ILE C 141 19.26 13.61 -2.76
C ILE C 141 18.83 13.37 -1.31
N GLU C 142 19.81 13.29 -0.41
CA GLU C 142 19.51 13.10 1.01
C GLU C 142 18.73 14.29 1.57
N ILE C 143 19.11 15.50 1.18
CA ILE C 143 18.43 16.69 1.68
C ILE C 143 16.96 16.69 1.27
N ILE C 144 16.69 16.34 0.00
CA ILE C 144 15.31 16.37 -0.47
C ILE C 144 14.48 15.26 0.19
N GLY C 145 15.06 14.05 0.30
CA GLY C 145 14.32 12.97 0.93
C GLY C 145 13.98 13.27 2.38
N THR C 146 14.96 13.76 3.15
CA THR C 146 14.67 14.08 4.53
C THR C 146 13.78 15.31 4.65
N LEU C 147 13.85 16.23 3.70
CA LEU C 147 12.96 17.39 3.71
C LEU C 147 11.52 16.94 3.61
N GLN C 148 11.22 16.08 2.64
CA GLN C 148 9.83 15.65 2.50
C GLN C 148 9.39 14.80 3.69
N LEU C 149 10.31 14.00 4.25
CA LEU C 149 9.95 13.22 5.44
C LEU C 149 9.60 14.11 6.63
N VAL C 150 10.48 15.07 6.94
CA VAL C 150 10.24 15.95 8.09
C VAL C 150 9.02 16.84 7.85
N LEU C 151 8.81 17.25 6.60
CA LEU C 151 7.62 18.05 6.28
C LEU C 151 6.35 17.24 6.53
N CYS C 152 6.33 15.97 6.13
CA CYS C 152 5.16 15.14 6.40
C CYS C 152 4.96 14.95 7.89
N VAL C 153 6.04 14.77 8.65
CA VAL C 153 5.90 14.59 10.10
C VAL C 153 5.37 15.86 10.75
N LEU C 154 5.88 17.02 10.34
CA LEU C 154 5.40 18.29 10.90
C LEU C 154 3.94 18.54 10.58
N ALA C 155 3.53 18.24 9.33
CA ALA C 155 2.15 18.48 8.95
C ALA C 155 1.21 17.50 9.63
N THR C 156 1.65 16.26 9.86
CA THR C 156 0.74 15.26 10.40
C THR C 156 0.52 15.43 11.91
N THR C 157 1.44 16.10 12.61
CA THR C 157 1.29 16.34 14.04
C THR C 157 1.07 17.82 14.36
N ASP C 158 0.30 18.52 13.53
CA ASP C 158 0.12 19.96 13.70
C ASP C 158 -0.71 20.28 14.94
N ARG C 159 -1.73 19.48 15.23
CA ARG C 159 -2.65 19.64 16.36
C ARG C 159 -3.55 20.87 16.19
N ARG C 160 -3.34 21.64 15.13
CA ARG C 160 -4.29 22.66 14.71
C ARG C 160 -5.17 22.18 13.57
N ARG C 161 -4.97 20.96 13.09
CA ARG C 161 -5.67 20.44 11.92
C ARG C 161 -6.82 19.56 12.37
N ARG C 162 -7.98 19.79 11.77
CA ARG C 162 -9.15 18.94 12.00
C ARG C 162 -9.52 18.11 10.79
N ASP C 163 -8.81 18.28 9.67
CA ASP C 163 -9.07 17.52 8.46
C ASP C 163 -8.22 16.27 8.36
N LEU C 164 -7.40 15.97 9.37
CA LEU C 164 -6.59 14.76 9.34
C LEU C 164 -7.47 13.52 9.44
N GLY C 165 -7.20 12.56 8.56
CA GLY C 165 -7.95 11.32 8.55
C GLY C 165 -7.04 10.16 8.24
N GLY C 166 -7.59 8.96 8.33
CA GLY C 166 -6.82 7.76 8.07
C GLY C 166 -5.79 7.52 9.16
N SER C 167 -4.72 6.84 8.76
CA SER C 167 -3.66 6.42 9.67
C SER C 167 -2.46 7.33 9.49
N ALA C 168 -2.15 8.11 10.53
CA ALA C 168 -0.91 8.88 10.55
C ALA C 168 0.35 8.00 10.51
N PRO C 169 0.44 6.89 11.27
CA PRO C 169 1.61 6.02 11.11
C PRO C 169 1.81 5.53 9.68
N LEU C 170 0.72 5.21 8.98
CA LEU C 170 0.84 4.80 7.59
C LEU C 170 1.34 5.95 6.72
N ALA C 171 0.92 7.17 7.01
CA ALA C 171 1.38 8.33 6.25
C ALA C 171 2.90 8.50 6.41
N ILE C 172 3.39 8.44 7.64
CA ILE C 172 4.82 8.61 7.87
C ILE C 172 5.61 7.45 7.27
N GLY C 173 5.06 6.23 7.38
CA GLY C 173 5.72 5.08 6.79
C GLY C 173 5.81 5.17 5.27
N LEU C 174 4.73 5.59 4.62
CA LEU C 174 4.77 5.76 3.17
C LEU C 174 5.71 6.88 2.77
N SER C 175 5.85 7.90 3.62
CA SER C 175 6.87 8.92 3.37
C SER C 175 8.28 8.33 3.39
N VAL C 176 8.57 7.50 4.39
CA VAL C 176 9.88 6.86 4.47
C VAL C 176 10.11 5.95 3.27
N ALA C 177 9.08 5.18 2.89
CA ALA C 177 9.19 4.32 1.72
C ALA C 177 9.46 5.14 0.45
N LEU C 178 8.81 6.30 0.33
CA LEU C 178 9.05 7.18 -0.80
C LEU C 178 10.49 7.69 -0.82
N GLY C 179 11.00 8.07 0.34
CA GLY C 179 12.39 8.50 0.42
C GLY C 179 13.35 7.41 -0.03
N HIS C 180 13.06 6.16 0.35
CA HIS C 180 13.92 5.07 -0.09
C HIS C 180 13.77 4.78 -1.58
N LEU C 181 12.54 4.85 -2.10
CA LEU C 181 12.31 4.72 -3.54
C LEU C 181 13.12 5.74 -4.32
N LEU C 182 13.24 6.95 -3.79
CA LEU C 182 14.08 7.96 -4.44
C LEU C 182 15.56 7.62 -4.30
N ALA C 183 16.02 7.32 -3.09
CA ALA C 183 17.45 7.43 -2.79
C ALA C 183 18.22 6.12 -2.69
N ILE C 184 17.57 4.96 -2.90
CA ILE C 184 18.30 3.70 -2.79
C ILE C 184 19.38 3.60 -3.87
N ASP C 185 19.03 3.94 -5.10
CA ASP C 185 19.99 3.82 -6.20
C ASP C 185 21.09 4.88 -6.14
N TYR C 186 20.90 5.94 -5.37
CA TYR C 186 21.90 7.01 -5.32
C TYR C 186 22.82 6.88 -4.12
N THR C 187 22.26 6.74 -2.92
CA THR C 187 23.08 6.65 -1.71
C THR C 187 22.69 5.50 -0.80
N GLY C 188 21.76 4.64 -1.21
CA GLY C 188 21.20 3.66 -0.29
C GLY C 188 20.17 4.23 0.66
N CYS C 189 19.86 5.53 0.56
CA CYS C 189 18.85 6.21 1.35
C CYS C 189 19.14 6.13 2.85
N GLY C 190 20.18 6.85 3.24
CA GLY C 190 20.41 7.08 4.65
C GLY C 190 19.18 7.65 5.32
N ILE C 191 18.82 8.90 5.01
CA ILE C 191 17.56 9.54 5.39
C ILE C 191 17.34 9.62 6.90
N ASN C 192 18.21 8.96 7.65
CA ASN C 192 18.05 8.66 9.06
C ASN C 192 19.46 8.57 9.64
N PRO C 193 19.95 9.62 10.30
CA PRO C 193 21.36 9.64 10.71
C PRO C 193 21.76 8.50 11.62
N ALA C 194 20.88 8.06 12.52
CA ALA C 194 21.20 6.93 13.39
C ALA C 194 21.28 5.62 12.60
N ARG C 195 20.37 5.45 11.63
CA ARG C 195 20.35 4.22 10.84
C ARG C 195 21.64 4.02 10.06
N SER C 196 22.19 5.10 9.49
CA SER C 196 23.47 5.00 8.80
C SER C 196 24.62 4.94 9.79
N PHE C 197 24.48 5.62 10.94
CA PHE C 197 25.53 5.64 11.94
C PHE C 197 25.80 4.25 12.51
N GLY C 198 24.74 3.45 12.66
CA GLY C 198 24.92 2.09 13.16
C GLY C 198 25.75 1.23 12.22
N SER C 199 25.43 1.26 10.93
CA SER C 199 26.19 0.49 9.96
C SER C 199 27.62 0.99 9.86
N ALA C 200 27.80 2.32 9.88
CA ALA C 200 29.14 2.88 9.82
C ALA C 200 29.98 2.46 11.04
N VAL C 201 29.39 2.49 12.23
CA VAL C 201 30.11 2.12 13.44
C VAL C 201 30.47 0.63 13.41
N ILE C 202 29.52 -0.23 13.05
CA ILE C 202 29.77 -1.66 13.11
C ILE C 202 30.78 -2.08 12.05
N THR C 203 30.70 -1.52 10.85
CA THR C 203 31.65 -1.87 9.80
C THR C 203 32.96 -1.10 9.90
N HIS C 204 33.08 -0.17 10.85
CA HIS C 204 34.31 0.62 11.06
C HIS C 204 34.70 1.39 9.81
N ASN C 205 33.70 1.88 9.08
CA ASN C 205 33.92 2.61 7.82
C ASN C 205 33.10 3.89 7.87
N PHE C 206 33.79 5.03 8.01
CA PHE C 206 33.14 6.33 8.09
C PHE C 206 33.44 7.19 6.86
N SER C 207 33.81 6.58 5.75
CA SER C 207 34.07 7.32 4.53
C SER C 207 32.77 7.85 3.95
N ASN C 208 32.75 9.14 3.60
CA ASN C 208 31.56 9.84 3.11
C ASN C 208 30.41 9.77 4.11
N HIS C 209 30.71 9.67 5.39
CA HIS C 209 29.65 9.52 6.38
C HIS C 209 29.18 10.87 6.90
N TRP C 210 29.91 11.95 6.62
CA TRP C 210 29.45 13.28 7.00
C TRP C 210 28.18 13.65 6.25
N ILE C 211 27.96 13.06 5.08
CA ILE C 211 26.79 13.37 4.27
C ILE C 211 25.52 12.95 5.00
N PHE C 212 25.52 11.77 5.59
CA PHE C 212 24.32 11.22 6.21
C PHE C 212 24.05 11.79 7.59
N TRP C 213 24.90 12.69 8.08
CA TRP C 213 24.61 13.48 9.27
C TRP C 213 24.42 14.95 8.97
N VAL C 214 24.85 15.42 7.80
CA VAL C 214 24.64 16.83 7.44
C VAL C 214 23.36 16.99 6.63
N GLY C 215 23.22 16.22 5.56
CA GLY C 215 22.11 16.35 4.64
C GLY C 215 20.73 16.15 5.24
N PRO C 216 20.53 15.07 6.00
CA PRO C 216 19.24 14.92 6.71
C PRO C 216 18.93 16.06 7.68
N PHE C 217 19.94 16.60 8.36
CA PHE C 217 19.66 17.71 9.27
C PHE C 217 19.33 18.99 8.51
N ILE C 218 20.01 19.22 7.38
CA ILE C 218 19.65 20.36 6.54
C ILE C 218 18.22 20.21 6.02
N GLY C 219 17.86 19.00 5.59
CA GLY C 219 16.50 18.78 5.13
C GLY C 219 15.47 18.99 6.22
N GLY C 220 15.76 18.55 7.44
CA GLY C 220 14.86 18.80 8.55
C GLY C 220 14.70 20.27 8.86
N ALA C 221 15.81 21.02 8.87
CA ALA C 221 15.75 22.45 9.13
C ALA C 221 14.98 23.18 8.02
N LEU C 222 15.20 22.79 6.77
CA LEU C 222 14.46 23.40 5.67
C LEU C 222 12.98 23.08 5.77
N ALA C 223 12.63 21.85 6.15
CA ALA C 223 11.22 21.50 6.32
C ALA C 223 10.59 22.30 7.45
N VAL C 224 11.34 22.53 8.53
CA VAL C 224 10.83 23.36 9.62
C VAL C 224 10.58 24.78 9.13
N LEU C 225 11.52 25.33 8.37
CA LEU C 225 11.33 26.67 7.82
C LEU C 225 10.08 26.71 6.93
N ILE C 226 9.95 25.73 6.03
CA ILE C 226 8.86 25.71 5.07
C ILE C 226 7.51 25.61 5.77
N TYR C 227 7.40 24.75 6.79
CA TYR C 227 6.10 24.53 7.39
C TYR C 227 5.76 25.61 8.43
N ASP C 228 6.71 25.94 9.31
CA ASP C 228 6.39 26.83 10.42
C ASP C 228 6.57 28.30 10.08
N PHE C 229 7.11 28.65 8.91
CA PHE C 229 7.32 30.05 8.59
C PHE C 229 6.86 30.47 7.21
N ILE C 230 6.50 29.54 6.33
CA ILE C 230 6.09 29.84 4.97
C ILE C 230 4.66 29.38 4.69
N LEU C 231 4.35 28.13 5.04
CA LEU C 231 3.07 27.53 4.67
C LEU C 231 1.99 27.71 5.73
N ALA C 232 2.24 27.22 6.94
CA ALA C 232 1.25 27.26 8.03
C ALA C 232 1.89 27.88 9.27
N PRO C 233 2.10 29.20 9.26
CA PRO C 233 2.73 29.84 10.41
C PRO C 233 1.82 29.82 11.64
N ARG C 234 2.47 29.85 12.80
N ARG C 234 2.47 29.83 12.80
CA ARG C 234 1.77 29.93 14.08
CA ARG C 234 1.77 29.93 14.07
C ARG C 234 1.90 31.33 14.65
C ARG C 234 1.89 31.35 14.61
N SER C 235 0.76 31.88 15.08
CA SER C 235 0.72 33.24 15.62
C SER C 235 1.08 33.27 17.11
N SER C 236 2.24 32.71 17.44
CA SER C 236 2.75 32.68 18.79
C SER C 236 4.15 33.26 18.79
N ASP C 237 4.51 33.96 19.87
CA ASP C 237 5.80 34.63 19.94
C ASP C 237 6.94 33.61 19.95
N LEU C 238 8.05 33.99 19.31
CA LEU C 238 9.25 33.15 19.36
C LEU C 238 9.79 33.07 20.78
N THR C 239 9.64 34.15 21.56
CA THR C 239 10.01 34.11 22.97
C THR C 239 9.17 33.09 23.73
N ASP C 240 7.88 33.02 23.43
CA ASP C 240 7.02 32.04 24.07
C ASP C 240 7.36 30.63 23.66
N ARG C 241 7.66 30.41 22.37
CA ARG C 241 7.99 29.08 21.90
C ARG C 241 9.39 28.66 22.35
N VAL C 242 10.22 29.62 22.77
CA VAL C 242 11.52 29.28 23.32
C VAL C 242 11.39 28.49 24.61
N LYS C 243 10.36 28.80 25.42
CA LYS C 243 10.22 28.17 26.72
C LYS C 243 9.90 26.69 26.61
N VAL C 244 9.48 26.22 25.43
CA VAL C 244 9.24 24.79 25.23
C VAL C 244 10.54 24.01 25.32
N TRP C 245 11.64 24.62 24.91
CA TRP C 245 12.93 23.93 24.89
C TRP C 245 13.37 23.53 26.31
N THR C 246 13.03 24.35 27.31
CA THR C 246 13.38 24.05 28.69
C THR C 246 12.18 23.58 29.52
N SER C 247 10.98 23.56 28.95
CA SER C 247 9.79 23.13 29.67
C SER C 247 9.11 21.91 29.08
N GLY C 248 9.12 21.76 27.75
CA GLY C 248 8.49 20.61 27.13
C GLY C 248 6.99 20.71 26.96
N GLN C 249 6.39 21.82 27.35
CA GLN C 249 4.95 22.00 27.22
C GLN C 249 4.63 23.12 26.24
N SER D 3 -9.50 41.04 -4.55
CA SER D 3 -10.02 40.27 -3.43
C SER D 3 -9.03 39.18 -3.02
N GLU D 4 -9.02 38.08 -3.77
CA GLU D 4 -8.06 37.02 -3.51
C GLU D 4 -6.64 37.42 -3.83
N PHE D 5 -6.46 38.44 -4.67
CA PHE D 5 -5.12 38.90 -5.02
C PHE D 5 -4.37 39.47 -3.83
N LYS D 6 -5.08 39.98 -2.82
CA LYS D 6 -4.45 40.67 -1.70
C LYS D 6 -4.48 39.84 -0.41
N LYS D 7 -4.93 38.59 -0.47
CA LYS D 7 -5.05 37.76 0.72
C LYS D 7 -3.77 36.96 0.93
N LYS D 8 -3.33 36.89 2.20
CA LYS D 8 -2.12 36.14 2.51
C LYS D 8 -2.32 34.64 2.30
N LEU D 9 -3.50 34.12 2.64
CA LEU D 9 -3.73 32.68 2.52
C LEU D 9 -3.68 32.24 1.06
N PHE D 10 -4.10 33.11 0.13
CA PHE D 10 -4.02 32.80 -1.29
C PHE D 10 -2.57 32.63 -1.73
N TRP D 11 -1.70 33.56 -1.35
CA TRP D 11 -0.31 33.47 -1.76
C TRP D 11 0.41 32.34 -1.06
N ARG D 12 0.02 32.04 0.19
CA ARG D 12 0.56 30.85 0.85
C ARG D 12 0.17 29.58 0.09
N ALA D 13 -1.08 29.53 -0.40
CA ALA D 13 -1.50 28.38 -1.20
C ALA D 13 -0.69 28.28 -2.49
N VAL D 14 -0.43 29.42 -3.14
CA VAL D 14 0.36 29.41 -4.38
C VAL D 14 1.78 28.94 -4.11
N VAL D 15 2.40 29.43 -3.04
CA VAL D 15 3.76 29.02 -2.69
C VAL D 15 3.79 27.54 -2.34
N ALA D 16 2.77 27.06 -1.63
CA ALA D 16 2.69 25.64 -1.29
C ALA D 16 2.57 24.79 -2.54
N GLU D 17 1.76 25.22 -3.51
CA GLU D 17 1.65 24.50 -4.77
C GLU D 17 3.00 24.45 -5.49
N PHE D 18 3.70 25.58 -5.56
CA PHE D 18 5.00 25.60 -6.24
C PHE D 18 6.00 24.67 -5.56
N LEU D 19 6.11 24.77 -4.23
CA LEU D 19 7.10 23.97 -3.50
C LEU D 19 6.77 22.49 -3.56
N ALA D 20 5.49 22.13 -3.41
CA ALA D 20 5.12 20.73 -3.45
C ALA D 20 5.26 20.15 -4.85
N THR D 21 5.01 20.96 -5.89
CA THR D 21 5.23 20.47 -7.25
C THR D 21 6.72 20.28 -7.51
N THR D 22 7.56 21.17 -6.98
CA THR D 22 9.01 20.97 -7.08
C THR D 22 9.43 19.66 -6.41
N LEU D 23 8.98 19.43 -5.18
CA LEU D 23 9.36 18.21 -4.47
C LEU D 23 8.84 16.97 -5.20
N PHE D 24 7.60 17.02 -5.67
CA PHE D 24 6.99 15.89 -6.37
C PHE D 24 7.77 15.54 -7.64
N VAL D 25 8.02 16.54 -8.49
CA VAL D 25 8.72 16.29 -9.74
C VAL D 25 10.13 15.78 -9.46
N PHE D 26 10.84 16.43 -8.53
CA PHE D 26 12.21 16.02 -8.24
C PHE D 26 12.26 14.58 -7.75
N ILE D 27 11.45 14.24 -6.75
CA ILE D 27 11.54 12.91 -6.16
C ILE D 27 11.10 11.83 -7.14
N SER D 28 10.03 12.09 -7.87
CA SER D 28 9.52 11.08 -8.80
C SER D 28 10.49 10.84 -9.95
N ILE D 29 10.99 11.92 -10.58
CA ILE D 29 11.87 11.72 -11.72
C ILE D 29 13.25 11.26 -11.26
N GLY D 30 13.65 11.59 -10.03
CA GLY D 30 14.88 11.03 -9.49
C GLY D 30 14.78 9.53 -9.27
N SER D 31 13.63 9.07 -8.78
CA SER D 31 13.41 7.63 -8.67
C SER D 31 13.34 6.98 -10.05
N ALA D 32 12.81 7.69 -11.04
CA ALA D 32 12.71 7.12 -12.38
C ALA D 32 14.08 6.91 -13.02
N LEU D 33 15.03 7.78 -12.76
CA LEU D 33 16.36 7.70 -13.37
C LEU D 33 17.34 6.83 -12.58
N GLY D 34 16.90 6.26 -11.45
CA GLY D 34 17.85 5.62 -10.55
C GLY D 34 18.39 4.30 -11.08
N PHE D 35 17.63 3.63 -11.95
CA PHE D 35 18.04 2.30 -12.40
C PHE D 35 19.28 2.31 -13.27
N LYS D 36 19.68 3.47 -13.78
CA LYS D 36 20.88 3.57 -14.60
C LYS D 36 22.15 3.64 -13.78
N TYR D 37 22.05 3.75 -12.46
CA TYR D 37 23.16 3.77 -11.53
C TYR D 37 23.44 2.37 -10.99
N PRO D 38 24.71 2.00 -10.75
CA PRO D 38 25.95 2.79 -10.90
C PRO D 38 26.33 3.06 -12.35
N VAL D 39 27.06 4.15 -12.59
CA VAL D 39 27.46 4.51 -13.96
C VAL D 39 28.53 3.56 -14.47
N GLY D 40 29.53 3.26 -13.64
CA GLY D 40 30.63 2.43 -14.09
C GLY D 40 30.22 1.01 -14.40
N ASN D 41 29.27 0.47 -13.63
CA ASN D 41 28.84 -0.92 -13.79
C ASN D 41 28.12 -1.11 -15.13
N ASN D 42 28.61 -2.03 -15.94
CA ASN D 42 28.00 -2.33 -17.24
C ASN D 42 26.99 -3.46 -17.04
N GLN D 43 25.76 -3.08 -16.72
CA GLN D 43 24.67 -4.02 -16.49
C GLN D 43 23.48 -3.63 -17.34
N THR D 44 22.77 -4.64 -17.84
CA THR D 44 21.54 -4.43 -18.60
C THR D 44 20.36 -4.24 -17.65
N ALA D 45 20.37 -3.10 -16.95
CA ALA D 45 19.33 -2.80 -15.99
C ALA D 45 18.01 -2.53 -16.68
N VAL D 46 16.93 -3.04 -16.10
CA VAL D 46 15.58 -2.87 -16.62
C VAL D 46 14.80 -2.03 -15.62
N GLN D 47 14.04 -1.07 -16.15
CA GLN D 47 13.23 -0.20 -15.30
C GLN D 47 12.16 -1.00 -14.55
N ASP D 48 11.99 -0.67 -13.27
CA ASP D 48 10.96 -1.27 -12.44
C ASP D 48 9.74 -0.36 -12.46
N ASN D 49 8.68 -0.81 -13.12
CA ASN D 49 7.48 0.03 -13.23
C ASN D 49 6.79 0.20 -11.90
N VAL D 50 6.84 -0.81 -11.04
CA VAL D 50 6.24 -0.69 -9.70
C VAL D 50 6.98 0.36 -8.88
N LYS D 51 8.32 0.38 -8.99
CA LYS D 51 9.10 1.36 -8.23
C LYS D 51 8.76 2.79 -8.63
N VAL D 52 8.72 3.07 -9.93
CA VAL D 52 8.45 4.43 -10.39
C VAL D 52 7.01 4.81 -10.13
N SER D 53 6.08 3.88 -10.33
CA SER D 53 4.66 4.16 -10.06
C SER D 53 4.44 4.46 -8.59
N LEU D 54 5.04 3.68 -7.71
CA LEU D 54 4.92 3.93 -6.28
C LEU D 54 5.62 5.23 -5.89
N ALA D 55 6.73 5.56 -6.55
CA ALA D 55 7.38 6.83 -6.26
C ALA D 55 6.47 8.00 -6.57
N PHE D 56 5.89 8.01 -7.77
CA PHE D 56 4.95 9.08 -8.13
C PHE D 56 3.76 9.12 -7.16
N GLY D 57 3.16 7.95 -6.91
CA GLY D 57 1.96 7.92 -6.09
C GLY D 57 2.20 8.32 -4.65
N LEU D 58 3.27 7.80 -4.05
CA LEU D 58 3.57 8.12 -2.67
C LEU D 58 4.08 9.55 -2.52
N SER D 59 4.73 10.09 -3.55
CA SER D 59 5.07 11.51 -3.53
C SER D 59 3.81 12.37 -3.52
N ILE D 60 2.83 12.00 -4.35
CA ILE D 60 1.56 12.73 -4.36
C ILE D 60 0.88 12.61 -3.01
N ALA D 61 0.85 11.41 -2.43
CA ALA D 61 0.18 11.21 -1.14
C ALA D 61 0.86 12.00 -0.03
N THR D 62 2.19 11.95 0.02
CA THR D 62 2.92 12.66 1.07
C THR D 62 2.77 14.16 0.94
N LEU D 63 2.89 14.69 -0.27
CA LEU D 63 2.78 16.13 -0.43
C LEU D 63 1.33 16.61 -0.27
N ALA D 64 0.36 15.78 -0.60
CA ALA D 64 -1.03 16.12 -0.29
C ALA D 64 -1.24 16.17 1.22
N GLN D 65 -0.73 15.17 1.94
CA GLN D 65 -0.78 15.20 3.40
C GLN D 65 -0.07 16.42 3.97
N SER D 66 0.92 16.95 3.24
CA SER D 66 1.69 18.07 3.76
C SER D 66 1.02 19.42 3.48
N VAL D 67 0.43 19.61 2.28
CA VAL D 67 -0.03 20.93 1.90
C VAL D 67 -1.51 20.96 1.50
N GLY D 68 -2.28 19.93 1.89
CA GLY D 68 -3.69 19.93 1.54
C GLY D 68 -4.49 20.98 2.28
N HIS D 69 -4.18 21.19 3.56
CA HIS D 69 -4.90 22.19 4.34
C HIS D 69 -4.51 23.61 3.96
N ILE D 70 -3.48 23.78 3.14
CA ILE D 70 -3.03 25.11 2.75
C ILE D 70 -3.44 25.45 1.32
N SER D 71 -3.26 24.53 0.38
CA SER D 71 -3.55 24.84 -1.02
C SER D 71 -4.59 23.94 -1.67
N GLY D 72 -4.98 22.84 -1.03
CA GLY D 72 -5.81 21.85 -1.69
C GLY D 72 -5.03 20.77 -2.40
N ALA D 73 -3.74 20.99 -2.65
CA ALA D 73 -2.81 19.98 -3.16
C ALA D 73 -3.25 19.43 -4.50
N HIS D 74 -3.28 20.32 -5.50
CA HIS D 74 -3.54 19.88 -6.87
C HIS D 74 -2.29 19.25 -7.46
N LEU D 75 -1.22 20.04 -7.59
CA LEU D 75 0.10 19.60 -8.05
C LEU D 75 0.05 19.03 -9.46
N ASN D 76 -0.99 19.38 -10.21
CA ASN D 76 -1.27 18.86 -11.53
C ASN D 76 -2.13 19.88 -12.25
N PRO D 77 -1.68 20.41 -13.40
CA PRO D 77 -2.52 21.37 -14.14
C PRO D 77 -3.84 20.79 -14.59
N ALA D 78 -3.90 19.49 -14.86
CA ALA D 78 -5.16 18.87 -15.24
C ALA D 78 -6.14 18.82 -14.08
N VAL D 79 -5.63 18.56 -12.87
CA VAL D 79 -6.48 18.57 -11.68
C VAL D 79 -6.96 19.99 -11.38
N THR D 80 -6.08 20.98 -11.52
CA THR D 80 -6.48 22.36 -11.32
C THR D 80 -7.52 22.79 -12.35
N LEU D 81 -7.33 22.40 -13.60
CA LEU D 81 -8.32 22.70 -14.63
C LEU D 81 -9.64 22.00 -14.36
N GLY D 82 -9.60 20.77 -13.86
CA GLY D 82 -10.83 20.08 -13.52
C GLY D 82 -11.58 20.76 -12.38
N LEU D 83 -10.85 21.18 -11.35
CA LEU D 83 -11.49 21.89 -10.25
C LEU D 83 -12.01 23.26 -10.69
N LEU D 84 -11.35 23.90 -11.66
CA LEU D 84 -11.87 25.13 -12.22
C LEU D 84 -13.16 24.89 -12.99
N LEU D 85 -13.17 23.86 -13.85
CA LEU D 85 -14.34 23.57 -14.67
C LEU D 85 -15.50 23.04 -13.84
N SER D 86 -15.24 22.48 -12.67
CA SER D 86 -16.31 22.08 -11.77
C SER D 86 -16.69 23.23 -10.85
O P1L D 87 -16.97 25.60 -8.01
N P1L D 87 -16.07 24.38 -11.09
CA P1L D 87 -16.29 25.60 -10.35
CB P1L D 87 -17.67 26.17 -10.59
SG P1L D 87 -17.97 26.65 -12.27
C7 P1L D 87 -19.02 25.42 -12.91
O7 P1L D 87 -19.39 24.41 -12.32
C8 P1L D 87 -19.23 25.66 -14.37
C9 P1L D 87 -19.50 24.38 -15.14
C10 P1L D 87 -19.73 24.65 -16.61
C11 P1L D 87 -19.53 23.40 -17.44
C12 P1L D 87 -18.07 23.12 -17.69
C13 P1L D 87 -17.88 21.95 -18.63
C14 P1L D 87 -16.42 21.57 -18.77
C15 P1L D 87 -16.20 20.55 -19.86
C16 P1L D 87 -16.40 21.15 -21.23
C17 P1L D 87 -15.21 20.90 -22.13
C18 P1L D 87 -14.06 21.85 -21.83
C19 P1L D 87 -12.77 21.40 -22.47
C20 P1L D 87 -11.59 22.19 -21.94
C P1L D 87 -16.08 25.43 -8.85
C21 P1L D 87 -10.33 21.34 -21.94
C22 P1L D 87 -9.94 20.89 -23.32
N GLN D 88 -14.85 25.05 -8.51
CA GLN D 88 -14.46 24.87 -7.13
C GLN D 88 -13.43 25.93 -6.72
N ILE D 89 -12.71 26.45 -7.71
CA ILE D 89 -11.75 27.54 -7.51
C ILE D 89 -12.02 28.61 -8.55
N SER D 90 -11.37 29.76 -8.36
CA SER D 90 -11.50 30.87 -9.28
C SER D 90 -10.58 30.70 -10.49
N ILE D 91 -10.78 31.58 -11.48
CA ILE D 91 -9.90 31.57 -12.65
C ILE D 91 -8.52 32.07 -12.28
N PHE D 92 -8.44 33.10 -11.43
CA PHE D 92 -7.15 33.64 -11.03
C PHE D 92 -6.34 32.61 -10.23
N ARG D 93 -7.01 31.92 -9.31
CA ARG D 93 -6.33 30.87 -8.54
C ARG D 93 -5.85 29.75 -9.45
N ALA D 94 -6.67 29.34 -10.41
CA ALA D 94 -6.27 28.26 -11.31
C ALA D 94 -5.08 28.67 -12.16
N LEU D 95 -5.08 29.90 -12.68
CA LEU D 95 -3.97 30.37 -13.49
C LEU D 95 -2.68 30.45 -12.68
N MET D 96 -2.77 31.00 -11.46
CA MET D 96 -1.58 31.08 -10.62
C MET D 96 -1.09 29.69 -10.23
N TYR D 97 -2.01 28.76 -9.98
CA TYR D 97 -1.61 27.40 -9.67
C TYR D 97 -0.87 26.75 -10.83
N ILE D 98 -1.37 26.93 -12.05
CA ILE D 98 -0.73 26.30 -13.20
C ILE D 98 0.64 26.92 -13.45
N ILE D 99 0.77 28.23 -13.29
CA ILE D 99 2.07 28.88 -13.44
C ILE D 99 3.04 28.35 -12.39
N ALA D 100 2.59 28.25 -11.14
CA ALA D 100 3.45 27.76 -10.07
C ALA D 100 3.86 26.31 -10.31
N GLN D 101 2.94 25.47 -10.77
CA GLN D 101 3.26 24.07 -11.02
C GLN D 101 4.27 23.92 -12.13
N CYS D 102 4.09 24.66 -13.24
CA CYS D 102 5.05 24.57 -14.34
C CYS D 102 6.43 25.07 -13.91
N VAL D 103 6.48 26.19 -13.19
CA VAL D 103 7.76 26.72 -12.76
C VAL D 103 8.45 25.77 -11.78
N GLY D 104 7.67 25.17 -10.86
CA GLY D 104 8.24 24.22 -9.93
C GLY D 104 8.77 22.98 -10.61
N ALA D 105 8.05 22.49 -11.63
CA ALA D 105 8.54 21.34 -12.39
C ALA D 105 9.83 21.69 -13.13
N ILE D 106 9.91 22.90 -13.69
CA ILE D 106 11.14 23.32 -14.37
C ILE D 106 12.29 23.36 -13.38
N VAL D 107 12.07 23.94 -12.20
CA VAL D 107 13.12 24.06 -11.19
C VAL D 107 13.57 22.68 -10.73
N ALA D 108 12.62 21.78 -10.47
CA ALA D 108 12.96 20.44 -10.01
C ALA D 108 13.74 19.67 -11.07
N THR D 109 13.32 19.77 -12.33
CA THR D 109 14.03 19.06 -13.39
C THR D 109 15.42 19.64 -13.60
N ALA D 110 15.60 20.95 -13.46
CA ALA D 110 16.92 21.55 -13.59
C ALA D 110 17.85 21.07 -12.47
N ILE D 111 17.36 21.09 -11.23
CA ILE D 111 18.17 20.60 -10.11
C ILE D 111 18.49 19.12 -10.28
N LEU D 112 17.53 18.34 -10.79
CA LEU D 112 17.74 16.92 -10.96
C LEU D 112 18.74 16.61 -12.08
N SER D 113 18.70 17.40 -13.16
CA SER D 113 19.71 17.25 -14.20
C SER D 113 21.08 17.64 -13.69
N GLY D 114 21.13 18.59 -12.75
CA GLY D 114 22.37 18.84 -12.04
C GLY D 114 22.83 17.63 -11.22
N ILE D 115 21.89 16.94 -10.59
CA ILE D 115 22.25 15.81 -9.73
C ILE D 115 22.50 14.55 -10.55
N THR D 116 21.75 14.33 -11.63
CA THR D 116 21.94 13.17 -12.49
C THR D 116 22.83 13.47 -13.69
N SER D 117 23.82 14.34 -13.51
CA SER D 117 24.66 14.79 -14.61
C SER D 117 25.51 13.68 -15.21
N SER D 118 25.83 12.64 -14.43
CA SER D 118 26.73 11.60 -14.91
C SER D 118 26.08 10.66 -15.91
N LEU D 119 24.76 10.73 -16.08
CA LEU D 119 24.08 9.88 -17.05
C LEU D 119 24.31 10.43 -18.46
N THR D 120 24.75 9.57 -19.36
CA THR D 120 25.00 9.98 -20.74
C THR D 120 23.72 9.89 -21.55
N GLY D 121 23.41 10.98 -22.26
CA GLY D 121 22.14 11.05 -22.98
C GLY D 121 20.95 11.03 -22.06
N ASN D 122 21.03 11.73 -20.94
CA ASN D 122 19.98 11.70 -19.92
C ASN D 122 18.74 12.42 -20.43
N SER D 123 17.65 11.67 -20.62
CA SER D 123 16.41 12.27 -21.11
C SER D 123 15.58 12.90 -19.99
N LEU D 124 16.01 12.79 -18.74
CA LEU D 124 15.34 13.39 -17.58
C LEU D 124 13.90 12.90 -17.45
N GLY D 125 13.65 11.65 -17.81
CA GLY D 125 12.30 11.11 -17.75
C GLY D 125 11.31 11.80 -18.66
N ARG D 126 11.78 12.35 -19.78
CA ARG D 126 10.90 13.08 -20.68
C ARG D 126 9.90 12.14 -21.33
N ASN D 127 8.64 12.57 -21.33
CA ASN D 127 7.56 11.75 -21.86
C ASN D 127 7.62 11.73 -23.39
N ASP D 128 7.63 10.54 -23.96
CA ASP D 128 7.54 10.38 -25.40
C ASP D 128 6.91 9.04 -25.69
N LEU D 129 6.36 8.91 -26.90
CA LEU D 129 5.69 7.69 -27.29
C LEU D 129 6.68 6.54 -27.42
N ALA D 130 6.31 5.38 -26.88
CA ALA D 130 7.09 4.18 -27.12
C ALA D 130 6.86 3.68 -28.53
N ASP D 131 7.80 2.87 -29.01
CA ASP D 131 7.66 2.28 -30.34
C ASP D 131 6.46 1.35 -30.37
N GLY D 132 5.70 1.40 -31.46
CA GLY D 132 4.44 0.72 -31.55
C GLY D 132 3.25 1.53 -31.05
N VAL D 133 3.49 2.74 -30.54
CA VAL D 133 2.44 3.62 -30.07
C VAL D 133 2.52 4.91 -30.88
N ASN D 134 1.46 5.23 -31.61
CA ASN D 134 1.41 6.48 -32.35
C ASN D 134 0.66 7.54 -31.54
N SER D 135 0.38 8.67 -32.17
CA SER D 135 -0.15 9.82 -31.43
C SER D 135 -1.56 9.56 -30.90
N GLY D 136 -2.40 8.88 -31.69
CA GLY D 136 -3.75 8.60 -31.22
C GLY D 136 -3.78 7.67 -30.03
N GLN D 137 -2.95 6.63 -30.06
CA GLN D 137 -2.93 5.66 -28.97
C GLN D 137 -2.38 6.27 -27.68
N GLY D 138 -1.29 7.04 -27.80
CA GLY D 138 -0.76 7.73 -26.63
C GLY D 138 -1.73 8.77 -26.10
N LEU D 139 -2.45 9.44 -27.00
CA LEU D 139 -3.47 10.39 -26.59
C LEU D 139 -4.58 9.70 -25.81
N GLY D 140 -5.04 8.54 -26.28
CA GLY D 140 -6.05 7.81 -25.54
C GLY D 140 -5.56 7.34 -24.18
N ILE D 141 -4.31 6.87 -24.11
CA ILE D 141 -3.75 6.43 -22.85
C ILE D 141 -3.72 7.59 -21.84
N GLU D 142 -3.23 8.74 -22.29
CA GLU D 142 -3.16 9.92 -21.41
C GLU D 142 -4.55 10.38 -20.99
N ILE D 143 -5.52 10.34 -21.92
CA ILE D 143 -6.88 10.75 -21.62
C ILE D 143 -7.46 9.86 -20.53
N ILE D 144 -7.27 8.54 -20.64
CA ILE D 144 -7.88 7.64 -19.67
C ILE D 144 -7.21 7.78 -18.31
N GLY D 145 -5.88 7.86 -18.27
CA GLY D 145 -5.20 7.99 -16.99
C GLY D 145 -5.59 9.27 -16.28
N THR D 146 -5.63 10.39 -17.00
CA THR D 146 -6.03 11.62 -16.37
C THR D 146 -7.51 11.63 -16.02
N LEU D 147 -8.34 10.92 -16.80
CA LEU D 147 -9.76 10.83 -16.47
C LEU D 147 -9.96 10.16 -15.13
N GLN D 148 -9.29 9.02 -14.91
CA GLN D 148 -9.44 8.35 -13.62
C GLN D 148 -8.87 9.21 -12.48
N LEU D 149 -7.75 9.88 -12.72
CA LEU D 149 -7.18 10.72 -11.67
C LEU D 149 -8.11 11.86 -11.28
N VAL D 150 -8.59 12.61 -12.26
CA VAL D 150 -9.43 13.77 -11.97
C VAL D 150 -10.78 13.34 -11.41
N LEU D 151 -11.32 12.20 -11.89
CA LEU D 151 -12.56 11.69 -11.32
C LEU D 151 -12.39 11.36 -9.86
N CYS D 152 -11.28 10.71 -9.49
CA CYS D 152 -11.03 10.41 -8.09
C CYS D 152 -10.89 11.69 -7.27
N VAL D 153 -10.19 12.69 -7.81
CA VAL D 153 -10.02 13.95 -7.11
C VAL D 153 -11.36 14.64 -6.86
N LEU D 154 -12.20 14.68 -7.90
CA LEU D 154 -13.51 15.33 -7.76
C LEU D 154 -14.40 14.60 -6.77
N ALA D 155 -14.42 13.27 -6.82
CA ALA D 155 -15.27 12.52 -5.90
C ALA D 155 -14.75 12.59 -4.48
N THR D 156 -13.44 12.76 -4.30
CA THR D 156 -12.87 12.76 -2.96
C THR D 156 -13.12 14.08 -2.22
N THR D 157 -13.11 15.20 -2.93
CA THR D 157 -13.24 16.51 -2.31
C THR D 157 -14.67 17.03 -2.38
N ASP D 158 -15.65 16.14 -2.31
CA ASP D 158 -17.02 16.48 -2.65
C ASP D 158 -17.68 17.36 -1.59
N ARG D 159 -17.42 17.07 -0.31
CA ARG D 159 -17.93 17.81 0.84
C ARG D 159 -19.43 17.58 1.07
N ARG D 160 -20.08 16.88 0.16
CA ARG D 160 -21.45 16.41 0.35
C ARG D 160 -21.52 14.99 0.86
N ARG D 161 -20.38 14.31 0.99
CA ARG D 161 -20.35 12.88 1.29
C ARG D 161 -19.94 12.66 2.73
N ARG D 162 -20.73 11.88 3.45
CA ARG D 162 -20.39 11.46 4.81
C ARG D 162 -19.93 10.02 4.89
N ASP D 163 -19.89 9.30 3.77
CA ASP D 163 -19.43 7.93 3.73
C ASP D 163 -17.93 7.82 3.47
N LEU D 164 -17.24 8.94 3.32
CA LEU D 164 -15.80 8.93 3.11
C LEU D 164 -15.08 8.57 4.41
N GLY D 165 -14.08 7.70 4.29
CA GLY D 165 -13.24 7.35 5.42
C GLY D 165 -11.84 7.07 4.93
N GLY D 166 -10.89 7.22 5.84
CA GLY D 166 -9.49 6.98 5.52
C GLY D 166 -8.76 8.27 5.20
N SER D 167 -7.73 8.13 4.38
CA SER D 167 -6.86 9.25 4.01
C SER D 167 -7.15 9.65 2.57
N ALA D 168 -7.70 10.86 2.40
CA ALA D 168 -7.84 11.42 1.06
C ALA D 168 -6.51 11.62 0.34
N PRO D 169 -5.44 12.11 0.96
CA PRO D 169 -4.14 12.12 0.26
C PRO D 169 -3.71 10.75 -0.22
N LEU D 170 -3.94 9.70 0.56
CA LEU D 170 -3.59 8.36 0.13
C LEU D 170 -4.44 7.92 -1.06
N ALA D 171 -5.71 8.31 -1.08
CA ALA D 171 -6.57 7.96 -2.21
C ALA D 171 -6.07 8.62 -3.49
N ILE D 172 -5.73 9.91 -3.42
CA ILE D 172 -5.26 10.59 -4.63
C ILE D 172 -3.89 10.06 -5.05
N GLY D 173 -3.04 9.74 -4.09
CA GLY D 173 -1.75 9.15 -4.41
C GLY D 173 -1.87 7.79 -5.06
N LEU D 174 -2.80 6.96 -4.58
CA LEU D 174 -3.02 5.68 -5.23
C LEU D 174 -3.60 5.85 -6.62
N SER D 175 -4.41 6.89 -6.83
CA SER D 175 -4.89 7.17 -8.18
C SER D 175 -3.73 7.54 -9.11
N VAL D 176 -2.80 8.37 -8.64
CA VAL D 176 -1.64 8.74 -9.44
C VAL D 176 -0.78 7.52 -9.74
N ALA D 177 -0.55 6.67 -8.73
CA ALA D 177 0.23 5.46 -8.92
C ALA D 177 -0.44 4.52 -9.90
N LEU D 178 -1.76 4.42 -9.85
CA LEU D 178 -2.51 3.60 -10.80
C LEU D 178 -2.33 4.11 -12.22
N GLY D 179 -2.43 5.43 -12.40
CA GLY D 179 -2.20 6.01 -13.72
C GLY D 179 -0.81 5.69 -14.24
N HIS D 180 0.18 5.71 -13.35
CA HIS D 180 1.53 5.38 -13.78
C HIS D 180 1.68 3.90 -14.12
N LEU D 181 1.10 3.02 -13.30
CA LEU D 181 1.11 1.59 -13.60
C LEU D 181 0.50 1.31 -14.97
N LEU D 182 -0.52 2.08 -15.34
CA LEU D 182 -1.09 1.93 -16.67
C LEU D 182 -0.16 2.46 -17.76
N ALA D 183 0.36 3.67 -17.58
CA ALA D 183 0.84 4.44 -18.72
C ALA D 183 2.35 4.55 -18.86
N ILE D 184 3.14 4.00 -17.93
CA ILE D 184 4.59 4.15 -18.02
C ILE D 184 5.12 3.42 -19.26
N ASP D 185 4.64 2.20 -19.50
CA ASP D 185 5.15 1.43 -20.63
C ASP D 185 4.74 2.01 -21.98
N TYR D 186 3.64 2.77 -22.03
CA TYR D 186 3.15 3.30 -23.29
C TYR D 186 3.73 4.68 -23.60
N THR D 187 3.64 5.61 -22.65
CA THR D 187 4.05 6.98 -22.90
C THR D 187 4.94 7.56 -21.81
N GLY D 188 5.35 6.77 -20.83
CA GLY D 188 6.02 7.31 -19.67
C GLY D 188 5.09 7.93 -18.65
N CYS D 189 3.78 7.90 -18.90
CA CYS D 189 2.76 8.43 -18.00
C CYS D 189 2.98 9.91 -17.71
N GLY D 190 2.71 10.72 -18.72
CA GLY D 190 2.63 12.14 -18.48
C GLY D 190 1.62 12.45 -17.38
N ILE D 191 0.33 12.29 -17.68
CA ILE D 191 -0.78 12.39 -16.71
C ILE D 191 -0.84 13.75 -16.00
N ASN D 192 0.19 14.55 -16.16
CA ASN D 192 0.46 15.78 -15.44
C ASN D 192 1.20 16.71 -16.40
N PRO D 193 0.52 17.70 -16.97
CA PRO D 193 1.18 18.57 -17.94
C PRO D 193 2.39 19.31 -17.40
N ALA D 194 2.40 19.68 -16.13
CA ALA D 194 3.59 20.33 -15.56
C ALA D 194 4.78 19.39 -15.52
N ARG D 195 4.55 18.13 -15.14
CA ARG D 195 5.64 17.17 -15.06
C ARG D 195 6.27 16.94 -16.42
N SER D 196 5.45 16.80 -17.46
CA SER D 196 5.98 16.66 -18.82
C SER D 196 6.64 17.95 -19.27
N PHE D 197 6.07 19.09 -18.89
CA PHE D 197 6.57 20.38 -19.35
C PHE D 197 7.97 20.66 -18.83
N GLY D 198 8.22 20.35 -17.55
CA GLY D 198 9.54 20.59 -16.99
C GLY D 198 10.63 19.79 -17.69
N SER D 199 10.35 18.51 -17.93
CA SER D 199 11.30 17.65 -18.64
C SER D 199 11.53 18.14 -20.07
N ALA D 200 10.45 18.50 -20.76
CA ALA D 200 10.59 18.97 -22.15
C ALA D 200 11.36 20.27 -22.22
N VAL D 201 11.15 21.16 -21.25
CA VAL D 201 11.85 22.44 -21.25
C VAL D 201 13.33 22.25 -20.95
N ILE D 202 13.65 21.44 -19.94
CA ILE D 202 15.06 21.29 -19.56
C ILE D 202 15.82 20.51 -20.62
N THR D 203 15.21 19.49 -21.21
CA THR D 203 15.89 18.71 -22.23
C THR D 203 15.82 19.32 -23.62
N HIS D 204 15.09 20.45 -23.77
CA HIS D 204 14.95 21.15 -25.04
C HIS D 204 14.40 20.26 -26.14
N ASN D 205 13.48 19.37 -25.79
CA ASN D 205 12.86 18.45 -26.74
C ASN D 205 11.37 18.46 -26.51
N PHE D 206 10.61 18.86 -27.53
CA PHE D 206 9.16 18.93 -27.46
C PHE D 206 8.50 17.99 -28.47
N SER D 207 9.14 16.88 -28.80
CA SER D 207 8.56 15.94 -29.73
C SER D 207 7.32 15.30 -29.12
N ASN D 208 6.19 15.44 -29.82
CA ASN D 208 4.88 14.97 -29.37
C ASN D 208 4.48 15.54 -28.02
N HIS D 209 5.01 16.71 -27.66
CA HIS D 209 4.73 17.28 -26.35
C HIS D 209 3.31 17.78 -26.23
N TRP D 210 2.62 17.98 -27.36
CA TRP D 210 1.23 18.42 -27.32
C TRP D 210 0.32 17.35 -26.72
N ILE D 211 0.71 16.09 -26.82
CA ILE D 211 -0.11 15.00 -26.29
C ILE D 211 -0.28 15.16 -24.79
N PHE D 212 0.80 15.48 -24.09
CA PHE D 212 0.82 15.52 -22.64
C PHE D 212 0.27 16.81 -22.07
N TRP D 213 -0.18 17.73 -22.93
CA TRP D 213 -1.01 18.86 -22.53
C TRP D 213 -2.47 18.69 -22.94
N VAL D 214 -2.72 18.11 -24.11
CA VAL D 214 -4.09 18.01 -24.60
C VAL D 214 -4.82 16.84 -23.94
N GLY D 215 -4.20 15.65 -23.95
CA GLY D 215 -4.80 14.46 -23.39
C GLY D 215 -5.17 14.57 -21.92
N PRO D 216 -4.27 15.08 -21.08
CA PRO D 216 -4.67 15.34 -19.69
C PRO D 216 -5.82 16.31 -19.55
N PHE D 217 -5.87 17.37 -20.37
CA PHE D 217 -6.96 18.33 -20.25
C PHE D 217 -8.27 17.75 -20.76
N ILE D 218 -8.21 16.95 -21.82
CA ILE D 218 -9.41 16.24 -22.29
C ILE D 218 -9.90 15.27 -21.22
N GLY D 219 -8.98 14.55 -20.58
CA GLY D 219 -9.37 13.63 -19.53
C GLY D 219 -9.98 14.34 -18.33
N GLY D 220 -9.41 15.47 -17.94
CA GLY D 220 -9.99 16.25 -16.86
C GLY D 220 -11.37 16.79 -17.18
N ALA D 221 -11.54 17.29 -18.41
CA ALA D 221 -12.86 17.78 -18.83
C ALA D 221 -13.88 16.66 -18.86
N LEU D 222 -13.47 15.48 -19.36
CA LEU D 222 -14.37 14.34 -19.37
C LEU D 222 -14.72 13.89 -17.96
N ALA D 223 -13.75 13.94 -17.04
CA ALA D 223 -14.03 13.59 -15.65
C ALA D 223 -15.00 14.55 -15.01
N VAL D 224 -14.84 15.85 -15.29
CA VAL D 224 -15.77 16.85 -14.76
C VAL D 224 -17.17 16.61 -15.31
N LEU D 225 -17.26 16.37 -16.63
CA LEU D 225 -18.55 16.07 -17.24
C LEU D 225 -19.20 14.85 -16.60
N ILE D 226 -18.43 13.78 -16.43
CA ILE D 226 -18.98 12.53 -15.90
C ILE D 226 -19.45 12.72 -14.45
N TYR D 227 -18.64 13.36 -13.62
CA TYR D 227 -18.98 13.43 -12.20
C TYR D 227 -20.06 14.46 -11.92
N ASP D 228 -20.09 15.56 -12.68
CA ASP D 228 -21.00 16.64 -12.35
C ASP D 228 -22.30 16.62 -13.14
N PHE D 229 -22.34 15.96 -14.29
CA PHE D 229 -23.53 16.02 -15.13
C PHE D 229 -24.04 14.66 -15.56
N ILE D 230 -23.46 13.57 -15.07
CA ILE D 230 -23.95 12.22 -15.34
C ILE D 230 -24.20 11.45 -14.05
N LEU D 231 -23.26 11.50 -13.11
CA LEU D 231 -23.28 10.64 -11.94
C LEU D 231 -23.82 11.34 -10.69
N ALA D 232 -23.20 12.44 -10.27
CA ALA D 232 -23.57 13.12 -9.03
C ALA D 232 -23.80 14.60 -9.29
N PRO D 233 -24.94 14.94 -9.90
CA PRO D 233 -25.23 16.35 -10.17
C PRO D 233 -25.46 17.13 -8.87
N ARG D 234 -25.17 18.42 -8.94
N ARG D 234 -25.16 18.42 -8.93
CA ARG D 234 -25.34 19.33 -7.81
CA ARG D 234 -25.35 19.31 -7.80
C ARG D 234 -26.63 20.12 -7.98
C ARG D 234 -26.62 20.11 -7.97
N SER D 235 -27.31 20.36 -6.86
CA SER D 235 -28.58 21.08 -6.86
C SER D 235 -28.36 22.59 -6.75
N SER D 236 -27.76 23.15 -7.80
CA SER D 236 -27.53 24.58 -7.88
C SER D 236 -27.59 25.02 -9.34
N ASP D 237 -27.94 26.28 -9.55
CA ASP D 237 -27.94 26.84 -10.90
C ASP D 237 -26.52 27.11 -11.37
N LEU D 238 -26.31 26.98 -12.69
CA LEU D 238 -25.00 27.28 -13.25
C LEU D 238 -24.62 28.74 -13.03
N THR D 239 -25.63 29.63 -12.96
CA THR D 239 -25.36 31.04 -12.72
C THR D 239 -24.70 31.27 -11.37
N ASP D 240 -25.16 30.56 -10.34
CA ASP D 240 -24.54 30.70 -9.02
C ASP D 240 -23.13 30.13 -9.01
N ARG D 241 -22.92 29.01 -9.71
CA ARG D 241 -21.60 28.38 -9.70
C ARG D 241 -20.58 29.19 -10.49
N VAL D 242 -21.01 29.90 -11.52
CA VAL D 242 -20.10 30.71 -12.33
C VAL D 242 -19.46 31.82 -11.49
N LYS D 243 -20.16 32.33 -10.48
CA LYS D 243 -19.64 33.45 -9.70
C LYS D 243 -18.39 33.07 -8.93
N VAL D 244 -18.14 31.77 -8.73
CA VAL D 244 -16.91 31.32 -8.08
C VAL D 244 -15.70 31.67 -8.92
N TRP D 245 -15.87 31.72 -10.25
CA TRP D 245 -14.74 32.01 -11.14
C TRP D 245 -14.16 33.39 -10.87
N THR D 246 -14.99 34.36 -10.50
CA THR D 246 -14.52 35.71 -10.21
C THR D 246 -14.52 36.04 -8.74
N SER D 247 -15.07 35.18 -7.89
CA SER D 247 -15.15 35.47 -6.46
C SER D 247 -14.25 34.60 -5.60
N GLY D 248 -14.06 33.32 -5.96
CA GLY D 248 -13.26 32.44 -5.15
C GLY D 248 -13.93 31.92 -3.90
N GLN D 249 -15.24 32.08 -3.77
CA GLN D 249 -15.97 31.61 -2.60
C GLN D 249 -17.15 30.75 -3.01
C1 CLR E . 26.12 -18.19 15.03
C2 CLR E . 27.45 -18.70 14.51
C3 CLR E . 28.35 -17.55 14.10
C4 CLR E . 28.56 -16.64 15.30
C5 CLR E . 27.26 -16.14 15.87
C6 CLR E . 27.14 -14.87 16.23
C7 CLR E . 25.91 -14.26 16.79
C8 CLR E . 24.88 -15.28 17.27
C9 CLR E . 24.82 -16.49 16.35
C10 CLR E . 26.20 -17.18 16.20
C11 CLR E . 23.68 -17.43 16.76
C12 CLR E . 22.32 -16.75 16.94
C13 CLR E . 22.39 -15.52 17.86
C14 CLR E . 23.51 -14.63 17.31
C15 CLR E . 23.34 -13.32 18.04
C16 CLR E . 21.82 -13.12 17.96
C17 CLR E . 21.18 -14.54 17.83
C18 CLR E . 22.66 -15.95 19.31
C19 CLR E . 26.62 -17.91 17.47
C20 CLR E . 20.02 -14.75 18.82
C21 CLR E . 19.00 -15.77 18.33
C22 CLR E . 19.34 -13.41 19.21
C23 CLR E . 18.27 -12.85 18.29
C24 CLR E . 16.88 -12.85 18.91
C25 CLR E . 16.74 -12.17 20.27
C26 CLR E . 16.32 -13.17 21.33
C27 CLR E . 15.77 -11.00 20.24
O1 CLR E . 29.57 -18.07 13.61
C1 CLR F . -7.35 -32.98 -10.60
C2 CLR F . -6.43 -34.04 -11.21
C3 CLR F . -5.22 -34.28 -10.34
C4 CLR F . -5.70 -34.73 -8.97
C5 CLR F . -6.60 -33.71 -8.34
C6 CLR F . -6.33 -33.25 -7.12
C7 CLR F . -7.12 -32.24 -6.39
C8 CLR F . -8.46 -31.90 -7.04
C9 CLR F . -8.38 -31.93 -8.57
C10 CLR F . -7.80 -33.25 -9.14
C11 CLR F . -9.74 -31.54 -9.16
C12 CLR F . -10.36 -30.25 -8.58
C13 CLR F . -10.32 -30.16 -7.05
C14 CLR F . -8.89 -30.51 -6.65
C15 CLR F . -8.75 -30.08 -5.20
C16 CLR F . -9.55 -28.76 -5.17
C17 CLR F . -10.46 -28.73 -6.43
C18 CLR F . -11.35 -31.09 -6.42
C19 CLR F . -8.85 -34.37 -9.12
C20 CLR F . -11.87 -28.18 -6.16
C21 CLR F . -12.34 -27.22 -7.24
C22 CLR F . -11.98 -27.56 -4.76
C23 CLR F . -11.93 -26.03 -4.68
C24 CLR F . -13.01 -25.47 -3.75
C25 CLR F . -12.92 -25.97 -2.31
C26 CLR F . -14.30 -25.97 -1.67
C27 CLR F . -11.95 -25.14 -1.48
O1 CLR F . -4.39 -35.23 -10.95
C1 CLR G . 28.94 18.90 -8.70
C2 CLR G . 29.99 18.66 -9.76
C3 CLR G . 29.36 18.42 -11.11
C4 CLR G . 28.56 19.66 -11.48
C5 CLR G . 27.49 19.95 -10.47
C6 CLR G . 26.24 20.12 -10.87
C7 CLR G . 25.06 20.21 -9.96
C8 CLR G . 25.44 20.56 -8.53
C9 CLR G . 26.68 19.77 -8.09
C10 CLR G . 27.91 20.01 -9.00
C11 CLR G . 26.97 20.01 -6.59
C12 CLR G . 25.75 19.82 -5.67
C13 CLR G . 24.53 20.61 -6.13
C14 CLR G . 24.29 20.22 -7.59
C15 CLR G . 22.92 20.77 -7.92
C16 CLR G . 22.14 20.42 -6.65
C17 CLR G . 23.17 20.22 -5.50
C18 CLR G . 24.75 22.12 -5.96
C19 CLR G . 28.53 21.39 -8.74
C20 CLR G . 22.75 20.90 -4.19
C21 CLR G . 23.10 20.09 -2.95
C22 CLR G . 21.25 21.25 -4.21
C23 CLR G . 20.30 20.29 -3.50
C24 CLR G . 19.19 20.99 -2.72
C25 CLR G . 19.10 22.51 -2.87
C26 CLR G . 19.64 23.20 -1.63
C27 CLR G . 17.66 22.96 -3.14
O1 CLR G . 30.35 18.13 -12.05
C1 CLR H . -4.44 4.23 -34.39
C2 CLR H . -3.81 3.62 -35.64
C3 CLR H . -4.36 2.23 -35.89
C4 CLR H . -5.87 2.33 -36.07
C5 CLR H . -6.53 2.95 -34.87
C6 CLR H . -7.44 2.27 -34.19
C7 CLR H . -8.10 2.73 -32.94
C8 CLR H . -7.94 4.22 -32.72
C9 CLR H . -6.48 4.63 -32.97
C10 CLR H . -5.98 4.30 -34.40
C11 CLR H . -6.26 6.11 -32.58
C12 CLR H . -6.76 6.45 -31.16
C13 CLR H . -8.23 6.07 -30.95
C14 CLR H . -8.32 4.58 -31.30
C15 CLR H . -9.71 4.18 -30.81
C16 CLR H . -9.82 4.94 -29.48
C17 CLR H . -8.74 6.07 -29.49
C18 CLR H . -9.13 6.95 -31.81
C19 CLR H . -6.43 5.38 -35.41
C20 CLR H . -9.31 7.36 -28.87
C21 CLR H . -8.24 8.35 -28.41
C22 CLR H . -10.27 7.04 -27.71
C23 CLR H . -9.64 6.78 -26.35
C24 CLR H . -10.19 7.73 -25.28
C25 CLR H . -11.71 7.80 -25.18
C26 CLR H . -12.11 8.97 -24.29
C27 CLR H . -12.32 6.50 -24.65
O1 CLR H . -3.73 1.67 -37.02
#